data_1F2E
#
_entry.id   1F2E
#
_cell.length_a   97.505
_cell.length_b   44.792
_cell.length_c   116.459
_cell.angle_alpha   90.00
_cell.angle_beta   98.60
_cell.angle_gamma   90.00
#
_symmetry.space_group_name_H-M   'P 1 21 1'
#
loop_
_entity.id
_entity.type
_entity.pdbx_description
1 polymer 'GLUTATHIONE S-TRANSFERASE'
2 non-polymer GLUTATHIONE
3 water water
#
_entity_poly.entity_id   1
_entity_poly.type   'polypeptide(L)'
_entity_poly.pdbx_seq_one_letter_code
;MKLFISPGACSLAPHIALRETGADFEAVKVDLAVRKTEAGEDFLTVNPSGKVPALTLDSGETLTENPAILLYIADQNPAS
GLAPAEGSLDRYRLLSRLSFLGSEFHKAFVPLFAPATSDEAKAAAAESVKNHLAALDKELAGRDHYAGNAFSVADIYLYV
MLGWPAYVGIDMAAYPALGAYAGKIAQRPAVGAALKAEGLA
;
_entity_poly.pdbx_strand_id   A,B,C,D
#
loop_
_chem_comp.id
_chem_comp.type
_chem_comp.name
_chem_comp.formula
GSH non-polymer GLUTATHIONE 'C10 H17 N3 O6 S'
#
# COMPACT_ATOMS: atom_id res chain seq x y z
N MET A 1 -15.29 -5.56 16.13
CA MET A 1 -15.35 -5.79 14.65
C MET A 1 -13.99 -5.51 14.03
N LYS A 2 -13.50 -6.46 13.23
CA LYS A 2 -12.20 -6.29 12.59
C LYS A 2 -12.23 -6.39 11.07
N LEU A 3 -11.62 -5.42 10.41
CA LEU A 3 -11.55 -5.43 8.95
C LEU A 3 -10.11 -5.69 8.55
N PHE A 4 -9.89 -6.75 7.77
CA PHE A 4 -8.54 -7.07 7.32
C PHE A 4 -8.35 -6.38 5.96
N ILE A 5 -7.27 -5.60 5.85
CA ILE A 5 -7.00 -4.84 4.64
C ILE A 5 -5.55 -4.85 4.21
N SER A 6 -5.33 -4.27 3.03
CA SER A 6 -4.00 -4.12 2.48
C SER A 6 -4.08 -2.79 1.76
N PRO A 7 -3.24 -1.82 2.16
CA PRO A 7 -3.17 -0.47 1.60
C PRO A 7 -3.47 -0.33 0.11
N GLY A 8 -4.46 0.51 -0.20
CA GLY A 8 -4.82 0.75 -1.59
C GLY A 8 -5.51 -0.36 -2.34
N ALA A 9 -5.64 -1.53 -1.74
CA ALA A 9 -6.30 -2.66 -2.40
C ALA A 9 -7.82 -2.50 -2.39
N CYS A 10 -8.51 -3.50 -2.95
CA CYS A 10 -9.97 -3.50 -3.01
C CYS A 10 -10.58 -3.40 -1.60
N SER A 11 -9.79 -3.73 -0.58
CA SER A 11 -10.27 -3.66 0.80
C SER A 11 -10.43 -2.21 1.27
N LEU A 12 -10.03 -1.24 0.46
CA LEU A 12 -10.19 0.16 0.84
C LEU A 12 -11.69 0.52 0.88
N ALA A 13 -12.49 -0.17 0.07
CA ALA A 13 -13.94 0.09 0.01
C ALA A 13 -14.62 -0.14 1.38
N PRO A 14 -14.49 -1.37 1.94
CA PRO A 14 -15.12 -1.63 3.25
C PRO A 14 -14.56 -0.68 4.31
N HIS A 15 -13.28 -0.36 4.18
CA HIS A 15 -12.62 0.53 5.13
C HIS A 15 -13.32 1.89 5.15
N ILE A 16 -13.52 2.46 3.97
CA ILE A 16 -14.21 3.74 3.87
C ILE A 16 -15.64 3.60 4.41
N ALA A 17 -16.30 2.48 4.07
CA ALA A 17 -17.68 2.23 4.51
C ALA A 17 -17.84 2.22 6.02
N LEU A 18 -16.90 1.60 6.72
CA LEU A 18 -16.97 1.54 8.18
C LEU A 18 -16.81 2.96 8.75
N ARG A 19 -16.00 3.79 8.12
CA ARG A 19 -15.84 5.16 8.60
C ARG A 19 -17.10 5.97 8.29
N GLU A 20 -17.73 5.71 7.15
CA GLU A 20 -18.96 6.42 6.81
C GLU A 20 -20.08 6.15 7.83
N THR A 21 -20.18 4.90 8.30
CA THR A 21 -21.21 4.54 9.25
C THR A 21 -20.87 4.96 10.68
N GLY A 22 -19.62 5.36 10.89
CA GLY A 22 -19.18 5.78 12.22
C GLY A 22 -19.07 4.63 13.22
N ALA A 23 -18.93 3.40 12.72
CA ALA A 23 -18.84 2.24 13.58
C ALA A 23 -17.49 2.12 14.27
N ASP A 24 -17.45 1.43 15.40
CA ASP A 24 -16.19 1.23 16.07
C ASP A 24 -15.66 -0.09 15.56
N PHE A 25 -14.44 -0.05 15.02
CA PHE A 25 -13.83 -1.23 14.44
C PHE A 25 -12.35 -1.03 14.45
N GLU A 26 -11.63 -2.05 14.02
CA GLU A 26 -10.19 -1.94 13.92
C GLU A 26 -9.78 -2.54 12.58
N ALA A 27 -8.87 -1.86 11.91
CA ALA A 27 -8.38 -2.33 10.63
C ALA A 27 -7.06 -3.04 10.91
N VAL A 28 -7.01 -4.32 10.57
CA VAL A 28 -5.80 -5.10 10.75
C VAL A 28 -5.11 -5.20 9.38
N LYS A 29 -3.96 -4.55 9.25
CA LYS A 29 -3.23 -4.57 8.00
C LYS A 29 -2.64 -5.97 7.81
N VAL A 30 -2.64 -6.45 6.57
CA VAL A 30 -2.12 -7.77 6.27
C VAL A 30 -0.98 -7.70 5.25
N ASP A 31 0.08 -8.46 5.50
CA ASP A 31 1.21 -8.52 4.58
C ASP A 31 0.80 -9.65 3.65
N LEU A 32 0.25 -9.30 2.49
CA LEU A 32 -0.20 -10.32 1.56
C LEU A 32 0.93 -11.16 0.99
N ALA A 33 2.14 -10.60 0.98
CA ALA A 33 3.30 -11.31 0.46
C ALA A 33 3.58 -12.58 1.27
N VAL A 34 3.31 -12.53 2.57
CA VAL A 34 3.56 -13.67 3.45
C VAL A 34 2.35 -14.10 4.26
N ARG A 35 1.18 -13.55 3.95
CA ARG A 35 -0.06 -13.88 4.64
C ARG A 35 0.03 -13.79 6.17
N LYS A 36 0.52 -12.66 6.66
CA LYS A 36 0.63 -12.45 8.11
C LYS A 36 0.00 -11.12 8.47
N THR A 37 -0.81 -11.13 9.52
CA THR A 37 -1.48 -9.91 9.97
C THR A 37 -0.60 -9.15 10.95
N GLU A 38 -0.79 -7.84 11.03
CA GLU A 38 0.00 -7.01 11.93
C GLU A 38 -0.26 -7.41 13.37
N ALA A 39 -0.99 -8.50 13.55
CA ALA A 39 -1.31 -9.01 14.88
C ALA A 39 -0.53 -10.31 15.11
N GLY A 40 0.23 -10.71 14.10
CA GLY A 40 1.03 -11.93 14.20
C GLY A 40 0.41 -13.15 13.56
N GLU A 41 -0.92 -13.27 13.66
CA GLU A 41 -1.65 -14.41 13.08
C GLU A 41 -1.34 -14.72 11.63
N ASP A 42 -1.55 -15.98 11.27
CA ASP A 42 -1.37 -16.43 9.90
C ASP A 42 -2.72 -16.12 9.27
N PHE A 43 -2.75 -15.10 8.42
CA PHE A 43 -3.99 -14.67 7.80
C PHE A 43 -4.82 -15.77 7.12
N LEU A 44 -4.16 -16.87 6.72
CA LEU A 44 -4.89 -17.98 6.08
C LEU A 44 -5.87 -18.62 7.06
N THR A 45 -5.70 -18.34 8.34
CA THR A 45 -6.58 -18.88 9.37
C THR A 45 -7.83 -18.00 9.46
N VAL A 46 -7.67 -16.71 9.18
CA VAL A 46 -8.78 -15.78 9.21
C VAL A 46 -9.60 -15.98 7.93
N ASN A 47 -8.90 -16.06 6.81
CA ASN A 47 -9.53 -16.28 5.51
C ASN A 47 -8.66 -17.25 4.71
N PRO A 48 -9.08 -18.52 4.60
CA PRO A 48 -8.33 -19.54 3.86
C PRO A 48 -7.83 -19.20 2.45
N SER A 49 -8.53 -18.32 1.74
CA SER A 49 -8.08 -17.94 0.39
C SER A 49 -6.90 -16.97 0.45
N GLY A 50 -6.67 -16.39 1.63
CA GLY A 50 -5.58 -15.44 1.80
C GLY A 50 -5.85 -14.07 1.21
N LYS A 51 -7.12 -13.78 0.92
CA LYS A 51 -7.46 -12.50 0.32
C LYS A 51 -8.18 -11.53 1.26
N VAL A 52 -7.96 -10.24 1.02
CA VAL A 52 -8.64 -9.20 1.77
C VAL A 52 -9.62 -8.65 0.73
N PRO A 53 -10.70 -8.00 1.18
CA PRO A 53 -11.04 -7.75 2.58
C PRO A 53 -11.67 -8.96 3.25
N ALA A 54 -11.70 -8.91 4.57
CA ALA A 54 -12.32 -9.95 5.38
C ALA A 54 -12.81 -9.19 6.60
N LEU A 55 -14.00 -9.52 7.08
CA LEU A 55 -14.57 -8.82 8.22
C LEU A 55 -15.01 -9.78 9.32
N THR A 56 -14.37 -9.69 10.48
CA THR A 56 -14.79 -10.55 11.58
C THR A 56 -15.86 -9.75 12.29
N LEU A 57 -17.07 -10.32 12.35
CA LEU A 57 -18.23 -9.66 12.96
C LEU A 57 -18.22 -9.69 14.48
N ASP A 58 -19.00 -8.81 15.09
CA ASP A 58 -19.06 -8.78 16.54
C ASP A 58 -19.77 -10.02 17.07
N SER A 59 -20.40 -10.77 16.16
CA SER A 59 -21.09 -12.00 16.54
C SER A 59 -20.17 -13.21 16.41
N GLY A 60 -18.91 -12.97 16.04
CA GLY A 60 -17.94 -14.06 15.94
C GLY A 60 -17.48 -14.60 14.59
N GLU A 61 -18.35 -14.54 13.59
CA GLU A 61 -18.02 -15.05 12.26
C GLU A 61 -17.15 -14.12 11.42
N THR A 62 -16.53 -14.69 10.38
CA THR A 62 -15.70 -13.91 9.47
C THR A 62 -16.35 -13.91 8.10
N LEU A 63 -16.65 -12.71 7.62
CA LEU A 63 -17.32 -12.54 6.34
C LEU A 63 -16.32 -12.16 5.25
N THR A 64 -16.50 -12.73 4.05
CA THR A 64 -15.64 -12.40 2.92
C THR A 64 -16.50 -11.97 1.73
N GLU A 65 -15.84 -11.37 0.74
CA GLU A 65 -16.46 -10.88 -0.50
C GLU A 65 -17.04 -9.48 -0.27
N ASN A 66 -16.48 -8.50 -0.98
CA ASN A 66 -16.89 -7.11 -0.86
C ASN A 66 -18.39 -6.80 -0.87
N PRO A 67 -19.14 -7.38 -1.83
CA PRO A 67 -20.57 -7.06 -1.82
C PRO A 67 -21.23 -7.40 -0.49
N ALA A 68 -20.94 -8.59 0.04
CA ALA A 68 -21.52 -9.05 1.30
C ALA A 68 -21.06 -8.16 2.46
N ILE A 69 -19.75 -7.95 2.53
CA ILE A 69 -19.18 -7.12 3.57
C ILE A 69 -19.72 -5.70 3.51
N LEU A 70 -19.74 -5.12 2.31
CA LEU A 70 -20.24 -3.76 2.14
C LEU A 70 -21.70 -3.65 2.56
N LEU A 71 -22.52 -4.61 2.15
CA LEU A 71 -23.93 -4.59 2.49
C LEU A 71 -24.10 -4.70 4.00
N TYR A 72 -23.33 -5.61 4.62
CA TYR A 72 -23.39 -5.80 6.06
C TYR A 72 -23.03 -4.51 6.80
N ILE A 73 -21.96 -3.86 6.37
CA ILE A 73 -21.52 -2.63 7.00
C ILE A 73 -22.64 -1.57 6.96
N ALA A 74 -23.27 -1.41 5.81
CA ALA A 74 -24.34 -0.43 5.68
C ALA A 74 -25.56 -0.76 6.56
N ASP A 75 -25.95 -2.04 6.58
CA ASP A 75 -27.10 -2.47 7.37
C ASP A 75 -26.96 -2.26 8.86
N GLN A 76 -25.73 -2.31 9.37
CA GLN A 76 -25.50 -2.12 10.79
C GLN A 76 -25.91 -0.72 11.28
N ASN A 77 -25.94 0.25 10.38
CA ASN A 77 -26.38 1.59 10.77
C ASN A 77 -27.39 2.13 9.76
N PRO A 78 -28.66 1.80 9.97
CA PRO A 78 -29.71 2.28 9.05
C PRO A 78 -29.86 3.81 9.01
N ALA A 79 -29.38 4.49 10.05
CA ALA A 79 -29.45 5.94 10.11
C ALA A 79 -28.48 6.58 9.10
N SER A 80 -27.50 5.82 8.62
CA SER A 80 -26.53 6.35 7.65
C SER A 80 -27.07 6.26 6.23
N GLY A 81 -28.00 5.34 6.00
CA GLY A 81 -28.59 5.16 4.70
C GLY A 81 -27.62 4.87 3.55
N LEU A 82 -26.64 4.00 3.76
CA LEU A 82 -25.66 3.68 2.71
C LEU A 82 -26.09 2.54 1.79
N ALA A 83 -27.30 2.03 2.02
CA ALA A 83 -27.86 0.96 1.22
C ALA A 83 -29.35 0.97 1.45
N PRO A 84 -30.15 0.70 0.41
CA PRO A 84 -31.59 0.71 0.63
C PRO A 84 -32.01 -0.34 1.67
N ALA A 85 -33.20 -0.16 2.23
CA ALA A 85 -33.72 -1.07 3.25
C ALA A 85 -34.17 -2.39 2.66
N GLU A 86 -34.09 -3.45 3.47
CA GLU A 86 -34.50 -4.78 3.06
C GLU A 86 -35.97 -4.71 2.63
N GLY A 87 -36.33 -5.52 1.63
CA GLY A 87 -37.71 -5.52 1.18
C GLY A 87 -37.98 -4.57 0.02
N SER A 88 -37.09 -3.63 -0.22
CA SER A 88 -37.30 -2.69 -1.31
C SER A 88 -36.66 -3.19 -2.60
N LEU A 89 -37.31 -2.89 -3.72
CA LEU A 89 -36.82 -3.29 -5.02
C LEU A 89 -35.44 -2.67 -5.21
N ASP A 90 -35.30 -1.44 -4.71
CA ASP A 90 -34.06 -0.69 -4.83
C ASP A 90 -32.87 -1.44 -4.25
N ARG A 91 -33.12 -2.39 -3.36
CA ARG A 91 -32.02 -3.15 -2.75
C ARG A 91 -31.39 -4.09 -3.76
N TYR A 92 -32.22 -4.63 -4.65
CA TYR A 92 -31.73 -5.55 -5.67
C TYR A 92 -30.94 -4.76 -6.70
N ARG A 93 -31.36 -3.52 -6.97
CA ARG A 93 -30.63 -2.68 -7.91
C ARG A 93 -29.23 -2.50 -7.32
N LEU A 94 -29.15 -2.28 -6.02
CA LEU A 94 -27.85 -2.12 -5.38
C LEU A 94 -27.03 -3.40 -5.50
N LEU A 95 -27.66 -4.53 -5.20
CA LEU A 95 -26.97 -5.81 -5.26
C LEU A 95 -26.44 -6.10 -6.67
N SER A 96 -27.20 -5.69 -7.67
CA SER A 96 -26.79 -5.88 -9.06
C SER A 96 -25.52 -5.08 -9.34
N ARG A 97 -25.51 -3.82 -8.86
CA ARG A 97 -24.35 -2.95 -9.06
C ARG A 97 -23.12 -3.49 -8.35
N LEU A 98 -23.30 -3.96 -7.11
CA LEU A 98 -22.16 -4.49 -6.37
C LEU A 98 -21.63 -5.73 -7.09
N SER A 99 -22.57 -6.52 -7.60
CA SER A 99 -22.22 -7.74 -8.30
C SER A 99 -21.45 -7.47 -9.60
N PHE A 100 -21.89 -6.45 -10.34
CA PHE A 100 -21.21 -6.11 -11.59
C PHE A 100 -19.80 -5.63 -11.30
N LEU A 101 -19.70 -4.74 -10.31
CA LEU A 101 -18.43 -4.16 -9.89
C LEU A 101 -17.45 -5.24 -9.43
N GLY A 102 -17.94 -6.20 -8.66
CA GLY A 102 -17.06 -7.25 -8.17
C GLY A 102 -16.73 -8.35 -9.18
N SER A 103 -17.70 -8.74 -10.00
CA SER A 103 -17.49 -9.80 -10.97
C SER A 103 -16.95 -9.39 -12.33
N GLU A 104 -17.30 -8.19 -12.79
CA GLU A 104 -16.84 -7.72 -14.10
C GLU A 104 -15.72 -6.66 -14.04
N PHE A 105 -16.04 -5.50 -13.49
CA PHE A 105 -15.06 -4.43 -13.43
C PHE A 105 -13.78 -4.78 -12.68
N HIS A 106 -13.92 -5.18 -11.41
CA HIS A 106 -12.76 -5.52 -10.59
C HIS A 106 -11.91 -6.60 -11.26
N LYS A 107 -12.57 -7.61 -11.81
CA LYS A 107 -11.87 -8.71 -12.45
C LYS A 107 -11.12 -8.34 -13.72
N ALA A 108 -11.56 -7.29 -14.40
CA ALA A 108 -10.90 -6.85 -15.62
C ALA A 108 -9.48 -6.34 -15.35
N PHE A 109 -9.24 -5.91 -14.12
CA PHE A 109 -7.94 -5.38 -13.68
C PHE A 109 -6.90 -6.44 -13.35
N VAL A 110 -7.35 -7.55 -12.77
CA VAL A 110 -6.45 -8.62 -12.35
C VAL A 110 -5.18 -8.82 -13.17
N PRO A 111 -5.31 -9.08 -14.48
CA PRO A 111 -4.15 -9.27 -15.34
C PRO A 111 -3.12 -8.14 -15.27
N LEU A 112 -3.61 -6.91 -15.06
CA LEU A 112 -2.75 -5.73 -14.99
C LEU A 112 -2.01 -5.63 -13.66
N PHE A 113 -2.51 -6.32 -12.65
CA PHE A 113 -1.90 -6.29 -11.31
C PHE A 113 -1.04 -7.54 -11.10
N ALA A 114 -1.17 -8.50 -11.99
CA ALA A 114 -0.38 -9.73 -11.90
C ALA A 114 1.01 -9.50 -12.49
N PRO A 115 2.02 -10.13 -11.90
CA PRO A 115 3.41 -10.00 -12.35
C PRO A 115 3.73 -10.73 -13.66
N ALA A 116 3.57 -12.04 -13.64
CA ALA A 116 3.86 -12.89 -14.79
C ALA A 116 3.04 -12.64 -16.04
N THR A 117 2.07 -11.72 -15.97
CA THR A 117 1.23 -11.45 -17.14
C THR A 117 2.06 -11.00 -18.34
N SER A 118 1.71 -11.51 -19.52
CA SER A 118 2.42 -11.17 -20.75
C SER A 118 1.94 -9.81 -21.25
N ASP A 119 2.66 -9.26 -22.23
CA ASP A 119 2.30 -7.96 -22.79
C ASP A 119 0.96 -8.02 -23.49
N GLU A 120 0.73 -9.11 -24.22
CA GLU A 120 -0.53 -9.28 -24.93
C GLU A 120 -1.69 -9.35 -23.94
N ALA A 121 -1.51 -10.14 -22.89
CA ALA A 121 -2.55 -10.29 -21.88
C ALA A 121 -2.83 -8.94 -21.23
N LYS A 122 -1.76 -8.17 -20.99
CA LYS A 122 -1.90 -6.85 -20.39
C LYS A 122 -2.65 -5.93 -21.33
N ALA A 123 -2.32 -6.01 -22.62
CA ALA A 123 -2.97 -5.18 -23.62
C ALA A 123 -4.46 -5.50 -23.68
N ALA A 124 -4.79 -6.79 -23.56
CA ALA A 124 -6.16 -7.25 -23.59
C ALA A 124 -6.90 -6.75 -22.36
N ALA A 125 -6.25 -6.83 -21.20
CA ALA A 125 -6.86 -6.38 -19.96
C ALA A 125 -7.13 -4.87 -20.05
N ALA A 126 -6.12 -4.12 -20.48
CA ALA A 126 -6.26 -2.67 -20.62
C ALA A 126 -7.47 -2.33 -21.48
N GLU A 127 -7.61 -3.03 -22.61
CA GLU A 127 -8.74 -2.78 -23.50
C GLU A 127 -10.06 -3.07 -22.79
N SER A 128 -10.10 -4.13 -21.99
CA SER A 128 -11.32 -4.48 -21.26
C SER A 128 -11.62 -3.43 -20.18
N VAL A 129 -10.60 -3.00 -19.45
CA VAL A 129 -10.78 -1.96 -18.44
C VAL A 129 -11.28 -0.69 -19.11
N LYS A 130 -10.71 -0.35 -20.27
CA LYS A 130 -11.14 0.84 -21.00
C LYS A 130 -12.58 0.73 -21.46
N ASN A 131 -12.98 -0.46 -21.89
CA ASN A 131 -14.35 -0.65 -22.36
C ASN A 131 -15.35 -0.47 -21.23
N HIS A 132 -15.00 -0.90 -20.03
CA HIS A 132 -15.90 -0.73 -18.90
C HIS A 132 -15.91 0.75 -18.51
N LEU A 133 -14.72 1.36 -18.52
CA LEU A 133 -14.63 2.77 -18.17
C LEU A 133 -15.50 3.62 -19.09
N ALA A 134 -15.46 3.36 -20.39
CA ALA A 134 -16.28 4.12 -21.33
C ALA A 134 -17.77 3.97 -21.02
N ALA A 135 -18.21 2.74 -20.77
CA ALA A 135 -19.62 2.48 -20.46
C ALA A 135 -20.01 3.15 -19.15
N LEU A 136 -19.15 3.03 -18.15
CA LEU A 136 -19.42 3.65 -16.86
C LEU A 136 -19.51 5.17 -16.97
N ASP A 137 -18.62 5.76 -17.78
CA ASP A 137 -18.61 7.21 -17.95
C ASP A 137 -19.92 7.71 -18.55
N LYS A 138 -20.35 7.05 -19.61
CA LYS A 138 -21.59 7.35 -20.30
C LYS A 138 -22.75 7.21 -19.32
N GLU A 139 -22.66 6.17 -18.49
CA GLU A 139 -23.68 5.89 -17.49
C GLU A 139 -23.74 6.95 -16.39
N LEU A 140 -22.59 7.32 -15.85
CA LEU A 140 -22.58 8.31 -14.77
C LEU A 140 -22.66 9.76 -15.24
N ALA A 141 -22.65 9.96 -16.55
CA ALA A 141 -22.76 11.31 -17.07
C ALA A 141 -24.24 11.69 -16.93
N GLY A 142 -25.09 10.67 -16.91
CA GLY A 142 -26.53 10.88 -16.80
C GLY A 142 -27.17 10.85 -15.42
N ARG A 143 -26.43 10.42 -14.39
CA ARG A 143 -26.95 10.38 -13.02
C ARG A 143 -25.95 11.00 -12.06
N ASP A 144 -26.29 11.04 -10.78
CA ASP A 144 -25.41 11.59 -9.76
C ASP A 144 -24.68 10.44 -9.08
N HIS A 145 -25.42 9.37 -8.82
CA HIS A 145 -24.89 8.21 -8.12
C HIS A 145 -24.99 6.94 -8.95
N TYR A 146 -24.10 6.00 -8.69
CA TYR A 146 -24.05 4.76 -9.45
C TYR A 146 -25.25 3.83 -9.26
N ALA A 147 -25.69 3.68 -8.02
CA ALA A 147 -26.82 2.82 -7.70
C ALA A 147 -27.91 3.62 -7.01
N GLY A 148 -29.06 3.72 -7.65
CA GLY A 148 -30.14 4.45 -7.03
C GLY A 148 -30.03 5.95 -7.16
N ASN A 149 -30.47 6.67 -6.13
CA ASN A 149 -30.47 8.12 -6.17
C ASN A 149 -29.55 8.82 -5.18
N ALA A 150 -28.99 8.07 -4.23
CA ALA A 150 -28.11 8.69 -3.25
C ALA A 150 -26.78 7.96 -3.06
N PHE A 151 -25.84 8.61 -2.40
CA PHE A 151 -24.54 8.03 -2.13
C PHE A 151 -24.75 6.71 -1.40
N SER A 152 -24.15 5.63 -1.92
CA SER A 152 -24.29 4.31 -1.30
C SER A 152 -22.97 3.56 -1.31
N VAL A 153 -22.98 2.33 -0.80
CA VAL A 153 -21.75 1.55 -0.77
C VAL A 153 -21.28 1.19 -2.18
N ALA A 154 -22.17 1.30 -3.17
CA ALA A 154 -21.79 1.01 -4.56
C ALA A 154 -20.90 2.14 -5.08
N ASP A 155 -21.15 3.35 -4.60
CA ASP A 155 -20.37 4.51 -5.00
C ASP A 155 -18.97 4.39 -4.41
N ILE A 156 -18.89 3.94 -3.16
CA ILE A 156 -17.60 3.77 -2.50
C ILE A 156 -16.81 2.69 -3.22
N TYR A 157 -17.48 1.58 -3.52
CA TYR A 157 -16.89 0.44 -4.21
C TYR A 157 -16.35 0.88 -5.58
N LEU A 158 -17.17 1.59 -6.36
CA LEU A 158 -16.72 2.05 -7.68
C LEU A 158 -15.59 3.08 -7.58
N TYR A 159 -15.75 4.03 -6.66
CA TYR A 159 -14.75 5.06 -6.45
C TYR A 159 -13.36 4.46 -6.25
N VAL A 160 -13.27 3.46 -5.37
CA VAL A 160 -12.00 2.81 -5.11
C VAL A 160 -11.38 2.22 -6.39
N MET A 161 -12.21 1.59 -7.22
CA MET A 161 -11.74 0.99 -8.45
C MET A 161 -11.34 2.04 -9.48
N LEU A 162 -11.96 3.21 -9.39
CA LEU A 162 -11.64 4.29 -10.32
C LEU A 162 -10.28 4.88 -9.97
N GLY A 163 -9.73 4.45 -8.85
CA GLY A 163 -8.42 4.93 -8.44
C GLY A 163 -7.29 4.09 -9.01
N TRP A 164 -7.63 3.03 -9.75
CA TRP A 164 -6.61 2.14 -10.33
C TRP A 164 -6.11 2.40 -11.75
N PRO A 165 -7.03 2.69 -12.69
CA PRO A 165 -6.67 2.93 -14.10
C PRO A 165 -5.38 3.70 -14.39
N ALA A 166 -5.28 4.92 -13.88
CA ALA A 166 -4.10 5.75 -14.12
C ALA A 166 -2.78 5.07 -13.81
N TYR A 167 -2.72 4.34 -12.70
CA TYR A 167 -1.47 3.70 -12.31
C TYR A 167 -1.04 2.57 -13.23
N VAL A 168 -1.97 1.99 -13.98
CA VAL A 168 -1.61 0.92 -14.91
C VAL A 168 -1.61 1.42 -16.37
N GLY A 169 -1.50 2.73 -16.56
CA GLY A 169 -1.42 3.31 -17.89
C GLY A 169 -2.69 3.73 -18.64
N ILE A 170 -3.79 3.92 -17.91
CA ILE A 170 -5.04 4.32 -18.55
C ILE A 170 -5.42 5.71 -18.08
N ASP A 171 -5.17 6.71 -18.91
CA ASP A 171 -5.44 8.10 -18.58
C ASP A 171 -6.91 8.38 -18.29
N MET A 172 -7.19 8.71 -17.04
CA MET A 172 -8.57 8.99 -16.63
C MET A 172 -9.13 10.30 -17.21
N ALA A 173 -8.27 11.10 -17.85
CA ALA A 173 -8.73 12.37 -18.44
C ALA A 173 -9.67 12.06 -19.60
N ALA A 174 -9.64 10.81 -20.04
CA ALA A 174 -10.51 10.37 -21.12
C ALA A 174 -11.95 10.22 -20.65
N TYR A 175 -12.17 10.06 -19.35
CA TYR A 175 -13.54 9.88 -18.84
C TYR A 175 -13.92 11.01 -17.88
N PRO A 176 -14.32 12.18 -18.45
CA PRO A 176 -14.71 13.38 -17.71
C PRO A 176 -15.79 13.18 -16.64
N ALA A 177 -16.85 12.44 -16.97
CA ALA A 177 -17.92 12.22 -16.00
C ALA A 177 -17.40 11.42 -14.79
N LEU A 178 -16.56 10.41 -15.06
CA LEU A 178 -16.00 9.62 -13.97
C LEU A 178 -15.07 10.51 -13.14
N GLY A 179 -14.28 11.35 -13.80
CA GLY A 179 -13.38 12.23 -13.09
C GLY A 179 -14.13 13.14 -12.13
N ALA A 180 -15.19 13.77 -12.61
CA ALA A 180 -16.00 14.67 -11.78
C ALA A 180 -16.65 13.88 -10.65
N TYR A 181 -17.13 12.68 -10.98
CA TYR A 181 -17.77 11.78 -10.05
C TYR A 181 -16.83 11.42 -8.88
N ALA A 182 -15.60 11.03 -9.20
CA ALA A 182 -14.62 10.65 -8.18
C ALA A 182 -14.13 11.85 -7.40
N GLY A 183 -14.01 12.98 -8.09
CA GLY A 183 -13.54 14.20 -7.44
C GLY A 183 -14.40 14.62 -6.27
N LYS A 184 -15.73 14.45 -6.37
CA LYS A 184 -16.63 14.81 -5.28
C LYS A 184 -16.47 13.85 -4.11
N ILE A 185 -16.49 12.55 -4.41
CA ILE A 185 -16.35 11.52 -3.38
C ILE A 185 -15.00 11.61 -2.67
N ALA A 186 -13.96 11.96 -3.42
CA ALA A 186 -12.61 12.08 -2.86
C ALA A 186 -12.56 13.07 -1.68
N GLN A 187 -13.49 14.02 -1.66
CA GLN A 187 -13.54 15.04 -0.63
C GLN A 187 -14.25 14.64 0.66
N ARG A 188 -14.98 13.54 0.66
CA ARG A 188 -15.68 13.13 1.86
C ARG A 188 -14.69 12.89 3.00
N PRO A 189 -15.07 13.25 4.23
CA PRO A 189 -14.18 13.06 5.39
C PRO A 189 -13.81 11.61 5.65
N ALA A 190 -14.75 10.70 5.43
CA ALA A 190 -14.49 9.29 5.64
C ALA A 190 -13.46 8.76 4.63
N VAL A 191 -13.55 9.24 3.39
CA VAL A 191 -12.64 8.82 2.34
C VAL A 191 -11.21 9.23 2.65
N GLY A 192 -11.03 10.53 2.90
CA GLY A 192 -9.71 11.02 3.21
C GLY A 192 -9.14 10.45 4.51
N ALA A 193 -10.01 10.15 5.47
CA ALA A 193 -9.51 9.61 6.72
C ALA A 193 -8.97 8.20 6.47
N ALA A 194 -9.66 7.46 5.60
CA ALA A 194 -9.21 6.11 5.26
C ALA A 194 -7.88 6.18 4.51
N LEU A 195 -7.76 7.14 3.61
CA LEU A 195 -6.53 7.31 2.84
C LEU A 195 -5.40 7.70 3.76
N LYS A 196 -5.69 8.58 4.70
CA LYS A 196 -4.70 9.05 5.66
C LYS A 196 -4.16 7.89 6.50
N ALA A 197 -5.06 6.99 6.89
CA ALA A 197 -4.69 5.83 7.70
C ALA A 197 -3.93 4.80 6.86
N GLU A 198 -4.35 4.62 5.61
CA GLU A 198 -3.69 3.65 4.73
C GLU A 198 -2.40 4.18 4.09
N GLY A 199 -2.34 5.50 3.91
CA GLY A 199 -1.17 6.12 3.31
C GLY A 199 0.08 6.17 4.16
N LEU A 200 -0.07 5.89 5.45
CA LEU A 200 1.05 5.90 6.38
C LEU A 200 1.86 4.62 6.23
N ALA A 201 3.04 4.73 5.63
CA ALA A 201 3.88 3.55 5.44
C ALA A 201 5.37 3.88 5.38
N MET B 1 -43.38 -11.23 -16.13
CA MET B 1 -41.94 -11.33 -15.76
C MET B 1 -41.22 -12.14 -16.83
N LYS B 2 -40.13 -11.58 -17.37
CA LYS B 2 -39.37 -12.27 -18.40
C LYS B 2 -37.94 -12.56 -17.95
N LEU B 3 -37.55 -13.83 -18.04
CA LEU B 3 -36.19 -14.21 -17.70
C LEU B 3 -35.55 -14.54 -19.05
N PHE B 4 -34.52 -13.79 -19.42
CA PHE B 4 -33.84 -14.01 -20.69
C PHE B 4 -32.72 -15.01 -20.44
N ILE B 5 -32.76 -16.11 -21.17
CA ILE B 5 -31.78 -17.19 -20.99
C ILE B 5 -31.10 -17.65 -22.27
N SER B 6 -30.12 -18.54 -22.09
CA SER B 6 -29.40 -19.16 -23.19
C SER B 6 -29.14 -20.56 -22.68
N PRO B 7 -29.57 -21.59 -23.43
CA PRO B 7 -29.38 -22.98 -23.05
C PRO B 7 -28.07 -23.33 -22.35
N GLY B 8 -28.18 -23.81 -21.12
CA GLY B 8 -27.01 -24.22 -20.36
C GLY B 8 -26.10 -23.12 -19.82
N ALA B 9 -26.40 -21.87 -20.14
CA ALA B 9 -25.57 -20.76 -19.68
C ALA B 9 -25.83 -20.51 -18.20
N CYS B 10 -25.16 -19.51 -17.64
CA CYS B 10 -25.32 -19.17 -16.23
C CYS B 10 -26.77 -18.82 -15.90
N SER B 11 -27.55 -18.51 -16.94
CA SER B 11 -28.96 -18.16 -16.75
C SER B 11 -29.80 -19.38 -16.33
N LEU B 12 -29.20 -20.57 -16.35
CA LEU B 12 -29.93 -21.76 -15.95
C LEU B 12 -30.26 -21.70 -14.46
N ALA B 13 -29.41 -21.05 -13.67
CA ALA B 13 -29.63 -20.95 -12.23
C ALA B 13 -30.94 -20.21 -11.90
N PRO B 14 -31.14 -19.01 -12.49
CA PRO B 14 -32.37 -18.25 -12.25
C PRO B 14 -33.56 -19.06 -12.74
N HIS B 15 -33.36 -19.74 -13.88
CA HIS B 15 -34.41 -20.57 -14.45
C HIS B 15 -34.87 -21.63 -13.45
N ILE B 16 -33.92 -22.40 -12.95
CA ILE B 16 -34.22 -23.44 -11.96
C ILE B 16 -34.89 -22.84 -10.73
N ALA B 17 -34.43 -21.66 -10.32
CA ALA B 17 -34.97 -21.01 -9.13
C ALA B 17 -36.44 -20.67 -9.30
N LEU B 18 -36.79 -20.11 -10.45
CA LEU B 18 -38.18 -19.74 -10.72
C LEU B 18 -39.07 -20.97 -10.76
N ARG B 19 -38.52 -22.11 -11.19
CA ARG B 19 -39.31 -23.33 -11.25
C ARG B 19 -39.45 -23.97 -9.87
N GLU B 20 -38.53 -23.64 -8.97
CA GLU B 20 -38.56 -24.14 -7.61
C GLU B 20 -39.66 -23.38 -6.88
N THR B 21 -39.81 -22.10 -7.19
CA THR B 21 -40.82 -21.29 -6.53
C THR B 21 -42.20 -21.39 -7.19
N GLY B 22 -42.24 -21.74 -8.47
CA GLY B 22 -43.51 -21.86 -9.14
C GLY B 22 -44.08 -20.51 -9.58
N ALA B 23 -43.32 -19.44 -9.40
CA ALA B 23 -43.78 -18.12 -9.79
C ALA B 23 -44.00 -18.10 -11.30
N ASP B 24 -44.94 -17.26 -11.75
CA ASP B 24 -45.22 -17.16 -13.17
C ASP B 24 -44.11 -16.37 -13.86
N PHE B 25 -43.79 -16.76 -15.09
CA PHE B 25 -42.75 -16.10 -15.84
C PHE B 25 -42.63 -16.79 -17.18
N GLU B 26 -42.07 -16.09 -18.16
CA GLU B 26 -41.84 -16.71 -19.44
C GLU B 26 -40.35 -16.64 -19.71
N ALA B 27 -39.79 -17.76 -20.15
CA ALA B 27 -38.38 -17.84 -20.46
C ALA B 27 -38.20 -17.41 -21.91
N VAL B 28 -37.36 -16.41 -22.13
CA VAL B 28 -37.10 -15.92 -23.49
C VAL B 28 -35.67 -16.28 -23.86
N LYS B 29 -35.53 -17.19 -24.82
CA LYS B 29 -34.22 -17.64 -25.28
C LYS B 29 -33.54 -16.55 -26.10
N VAL B 30 -32.22 -16.47 -25.96
CA VAL B 30 -31.43 -15.47 -26.67
C VAL B 30 -30.26 -16.08 -27.44
N ASP B 31 -30.04 -15.60 -28.66
CA ASP B 31 -28.94 -16.07 -29.48
C ASP B 31 -27.78 -15.14 -29.13
N LEU B 32 -26.91 -15.60 -28.22
CA LEU B 32 -25.77 -14.82 -27.76
C LEU B 32 -24.75 -14.44 -28.83
N ALA B 33 -24.79 -15.13 -29.97
CA ALA B 33 -23.86 -14.82 -31.05
C ALA B 33 -24.34 -13.55 -31.73
N VAL B 34 -25.59 -13.58 -32.19
CA VAL B 34 -26.19 -12.43 -32.87
C VAL B 34 -26.73 -11.43 -31.86
N ARG B 35 -26.85 -11.86 -30.61
CA ARG B 35 -27.37 -11.02 -29.54
C ARG B 35 -28.78 -10.56 -29.84
N LYS B 36 -29.61 -11.51 -30.25
CA LYS B 36 -31.01 -11.26 -30.57
C LYS B 36 -31.85 -12.33 -29.88
N THR B 37 -33.07 -11.96 -29.48
CA THR B 37 -33.93 -12.92 -28.81
C THR B 37 -34.49 -13.89 -29.83
N GLU B 38 -35.01 -15.01 -29.35
CA GLU B 38 -35.59 -16.02 -30.23
C GLU B 38 -36.61 -15.33 -31.12
N ALA B 39 -37.44 -14.49 -30.52
CA ALA B 39 -38.48 -13.76 -31.25
C ALA B 39 -37.85 -12.89 -32.34
N GLY B 40 -36.55 -12.63 -32.21
CA GLY B 40 -35.85 -11.82 -33.20
C GLY B 40 -35.52 -10.41 -32.74
N GLU B 41 -36.00 -10.02 -31.56
CA GLU B 41 -35.75 -8.69 -31.03
C GLU B 41 -34.30 -8.47 -30.60
N ASP B 42 -33.89 -7.21 -30.52
CA ASP B 42 -32.53 -6.85 -30.14
C ASP B 42 -32.35 -6.87 -28.63
N PHE B 43 -31.63 -7.89 -28.15
CA PHE B 43 -31.40 -8.05 -26.73
C PHE B 43 -30.60 -6.92 -26.08
N LEU B 44 -29.78 -6.22 -26.86
CA LEU B 44 -28.98 -5.12 -26.31
C LEU B 44 -29.88 -4.04 -25.72
N THR B 45 -31.13 -4.00 -26.16
CA THR B 45 -32.08 -3.02 -25.66
C THR B 45 -32.49 -3.42 -24.24
N VAL B 46 -32.45 -4.72 -23.97
CA VAL B 46 -32.81 -5.24 -22.66
C VAL B 46 -31.64 -5.11 -21.69
N ASN B 47 -30.47 -5.58 -22.13
CA ASN B 47 -29.25 -5.51 -21.33
C ASN B 47 -28.09 -5.12 -22.25
N PRO B 48 -27.62 -3.87 -22.14
CA PRO B 48 -26.53 -3.32 -22.95
C PRO B 48 -25.27 -4.17 -23.06
N SER B 49 -25.02 -5.03 -22.08
CA SER B 49 -23.82 -5.87 -22.15
C SER B 49 -24.08 -7.06 -23.07
N GLY B 50 -25.35 -7.38 -23.27
CA GLY B 50 -25.71 -8.50 -24.12
C GLY B 50 -25.64 -9.84 -23.44
N LYS B 51 -25.46 -9.83 -22.12
CA LYS B 51 -25.35 -11.06 -21.34
C LYS B 51 -26.66 -11.51 -20.70
N VAL B 52 -26.73 -12.80 -20.42
CA VAL B 52 -27.88 -13.37 -19.73
C VAL B 52 -27.26 -13.87 -18.44
N PRO B 53 -28.06 -14.06 -17.38
CA PRO B 53 -29.51 -13.84 -17.37
C PRO B 53 -29.88 -12.38 -17.21
N ALA B 54 -31.11 -12.07 -17.57
CA ALA B 54 -31.65 -10.72 -17.44
C ALA B 54 -33.08 -10.97 -17.01
N LEU B 55 -33.55 -10.21 -16.03
CA LEU B 55 -34.91 -10.36 -15.54
C LEU B 55 -35.70 -9.06 -15.69
N THR B 56 -36.73 -9.08 -16.52
CA THR B 56 -37.57 -7.91 -16.70
C THR B 56 -38.85 -8.09 -15.93
N LEU B 57 -39.13 -7.16 -15.02
CA LEU B 57 -40.33 -7.24 -14.21
C LEU B 57 -41.56 -6.69 -14.92
N ASP B 58 -42.74 -7.01 -14.40
CA ASP B 58 -43.98 -6.54 -15.02
C ASP B 58 -44.03 -5.01 -15.09
N SER B 59 -43.27 -4.34 -14.24
CA SER B 59 -43.25 -2.88 -14.22
C SER B 59 -42.50 -2.34 -15.42
N GLY B 60 -41.60 -3.16 -15.95
CA GLY B 60 -40.81 -2.74 -17.11
C GLY B 60 -39.35 -2.57 -16.74
N GLU B 61 -39.05 -2.72 -15.45
CA GLU B 61 -37.67 -2.60 -15.00
C GLU B 61 -36.96 -3.92 -15.17
N THR B 62 -35.71 -3.86 -15.62
CA THR B 62 -34.91 -5.05 -15.83
C THR B 62 -33.79 -5.14 -14.80
N LEU B 63 -33.52 -6.36 -14.36
CA LEU B 63 -32.50 -6.63 -13.36
C LEU B 63 -31.44 -7.52 -13.99
N THR B 64 -30.16 -7.25 -13.71
CA THR B 64 -29.09 -8.08 -14.23
C THR B 64 -28.26 -8.58 -13.06
N GLU B 65 -27.34 -9.50 -13.34
CA GLU B 65 -26.44 -10.09 -12.34
C GLU B 65 -27.12 -11.21 -11.55
N ASN B 66 -26.61 -12.42 -11.72
CA ASN B 66 -27.14 -13.61 -11.06
C ASN B 66 -27.43 -13.44 -9.57
N PRO B 67 -26.46 -12.93 -8.80
CA PRO B 67 -26.73 -12.77 -7.37
C PRO B 67 -28.00 -11.96 -7.07
N ALA B 68 -28.18 -10.84 -7.78
CA ALA B 68 -29.35 -9.99 -7.58
C ALA B 68 -30.62 -10.66 -8.06
N ILE B 69 -30.56 -11.31 -9.21
CA ILE B 69 -31.71 -11.99 -9.77
C ILE B 69 -32.11 -13.19 -8.90
N LEU B 70 -31.12 -13.96 -8.46
CA LEU B 70 -31.40 -15.12 -7.63
C LEU B 70 -32.07 -14.73 -6.31
N LEU B 71 -31.50 -13.75 -5.61
CA LEU B 71 -32.08 -13.29 -4.35
C LEU B 71 -33.48 -12.73 -4.58
N TYR B 72 -33.65 -11.99 -5.67
CA TYR B 72 -34.96 -11.44 -5.97
C TYR B 72 -35.99 -12.56 -6.10
N ILE B 73 -35.68 -13.54 -6.95
CA ILE B 73 -36.58 -14.67 -7.16
C ILE B 73 -36.94 -15.35 -5.83
N ALA B 74 -35.93 -15.68 -5.02
CA ALA B 74 -36.18 -16.33 -3.75
C ALA B 74 -37.11 -15.51 -2.84
N ASP B 75 -36.84 -14.22 -2.75
CA ASP B 75 -37.63 -13.32 -1.91
C ASP B 75 -39.08 -13.08 -2.34
N GLN B 76 -39.42 -13.39 -3.59
CA GLN B 76 -40.80 -13.19 -4.03
C GLN B 76 -41.68 -14.33 -3.52
N ASN B 77 -41.05 -15.44 -3.16
CA ASN B 77 -41.75 -16.61 -2.64
C ASN B 77 -40.94 -17.19 -1.50
N PRO B 78 -40.92 -16.51 -0.34
CA PRO B 78 -40.16 -16.98 0.83
C PRO B 78 -40.59 -18.34 1.34
N ALA B 79 -41.83 -18.75 1.02
CA ALA B 79 -42.31 -20.06 1.46
C ALA B 79 -41.40 -21.15 0.89
N SER B 80 -40.78 -20.87 -0.26
CA SER B 80 -39.88 -21.83 -0.89
C SER B 80 -38.60 -21.96 -0.06
N GLY B 81 -38.31 -20.93 0.73
CA GLY B 81 -37.13 -20.94 1.57
C GLY B 81 -35.81 -21.05 0.84
N LEU B 82 -35.70 -20.43 -0.33
CA LEU B 82 -34.47 -20.48 -1.10
C LEU B 82 -33.42 -19.50 -0.60
N ALA B 83 -33.81 -18.64 0.33
CA ALA B 83 -32.89 -17.66 0.92
C ALA B 83 -33.34 -17.40 2.35
N PRO B 84 -32.38 -17.12 3.26
CA PRO B 84 -32.75 -16.85 4.66
C PRO B 84 -33.68 -15.65 4.67
N ALA B 85 -34.49 -15.53 5.73
CA ALA B 85 -35.42 -14.42 5.83
C ALA B 85 -34.66 -13.10 5.82
N GLU B 86 -35.28 -12.08 5.23
CA GLU B 86 -34.68 -10.76 5.16
C GLU B 86 -34.30 -10.29 6.57
N GLY B 87 -33.19 -9.60 6.70
CA GLY B 87 -32.77 -9.13 8.00
C GLY B 87 -31.96 -10.13 8.82
N SER B 88 -32.02 -11.40 8.46
CA SER B 88 -31.26 -12.41 9.20
C SER B 88 -29.78 -12.34 8.91
N LEU B 89 -28.96 -12.91 9.78
CA LEU B 89 -27.52 -12.91 9.60
C LEU B 89 -27.03 -13.92 8.56
N ASP B 90 -27.73 -15.04 8.44
CA ASP B 90 -27.34 -16.07 7.46
C ASP B 90 -27.46 -15.52 6.04
N ARG B 91 -28.15 -14.40 5.91
CA ARG B 91 -28.35 -13.79 4.61
C ARG B 91 -27.02 -13.30 4.04
N TYR B 92 -26.17 -12.74 4.88
CA TYR B 92 -24.86 -12.24 4.43
C TYR B 92 -23.98 -13.40 3.98
N ARG B 93 -24.10 -14.54 4.67
CA ARG B 93 -23.32 -15.73 4.32
C ARG B 93 -23.73 -16.12 2.90
N LEU B 94 -25.03 -16.06 2.63
CA LEU B 94 -25.56 -16.42 1.31
C LEU B 94 -25.00 -15.46 0.27
N LEU B 95 -25.08 -14.16 0.60
CA LEU B 95 -24.58 -13.12 -0.30
C LEU B 95 -23.11 -13.40 -0.59
N SER B 96 -22.35 -13.70 0.45
CA SER B 96 -20.93 -13.99 0.28
C SER B 96 -20.73 -15.17 -0.67
N ARG B 97 -21.55 -16.21 -0.52
CA ARG B 97 -21.45 -17.40 -1.36
C ARG B 97 -21.77 -17.08 -2.82
N LEU B 98 -22.85 -16.35 -3.03
CA LEU B 98 -23.28 -15.97 -4.37
C LEU B 98 -22.22 -15.11 -5.06
N SER B 99 -21.58 -14.27 -4.26
CA SER B 99 -20.55 -13.35 -4.74
C SER B 99 -19.25 -14.08 -5.08
N PHE B 100 -18.91 -15.10 -4.31
CA PHE B 100 -17.71 -15.86 -4.58
C PHE B 100 -17.88 -16.61 -5.89
N LEU B 101 -19.07 -17.19 -6.07
CA LEU B 101 -19.39 -17.96 -7.26
C LEU B 101 -19.34 -17.09 -8.51
N GLY B 102 -19.97 -15.93 -8.42
CA GLY B 102 -20.02 -15.03 -9.57
C GLY B 102 -18.72 -14.33 -9.89
N SER B 103 -17.93 -13.97 -8.88
CA SER B 103 -16.71 -13.24 -9.15
C SER B 103 -15.44 -14.08 -9.23
N GLU B 104 -15.42 -15.23 -8.56
CA GLU B 104 -14.24 -16.08 -8.58
C GLU B 104 -14.42 -17.35 -9.42
N PHE B 105 -15.33 -18.21 -9.01
CA PHE B 105 -15.54 -19.46 -9.73
C PHE B 105 -15.98 -19.30 -11.17
N HIS B 106 -17.06 -18.57 -11.38
CA HIS B 106 -17.56 -18.35 -12.73
C HIS B 106 -16.49 -17.78 -13.65
N LYS B 107 -15.73 -16.81 -13.14
CA LYS B 107 -14.68 -16.18 -13.95
C LYS B 107 -13.49 -17.09 -14.27
N ALA B 108 -13.27 -18.11 -13.45
CA ALA B 108 -12.16 -19.01 -13.72
C ALA B 108 -12.39 -19.74 -15.04
N PHE B 109 -13.66 -19.96 -15.39
CA PHE B 109 -14.05 -20.65 -16.62
C PHE B 109 -14.00 -19.80 -17.90
N VAL B 110 -14.36 -18.53 -17.78
CA VAL B 110 -14.42 -17.63 -18.94
C VAL B 110 -13.36 -17.85 -20.04
N PRO B 111 -12.08 -17.94 -19.68
CA PRO B 111 -11.06 -18.14 -20.72
C PRO B 111 -11.26 -19.44 -21.52
N LEU B 112 -11.80 -20.46 -20.87
CA LEU B 112 -12.04 -21.75 -21.51
C LEU B 112 -13.21 -21.69 -22.49
N PHE B 113 -14.02 -20.64 -22.38
CA PHE B 113 -15.17 -20.47 -23.25
C PHE B 113 -14.87 -19.39 -24.29
N ALA B 114 -13.60 -19.01 -24.40
CA ALA B 114 -13.19 -17.98 -25.34
C ALA B 114 -12.60 -18.61 -26.61
N PRO B 115 -12.92 -18.03 -27.78
CA PRO B 115 -12.43 -18.52 -29.08
C PRO B 115 -10.91 -18.43 -29.26
N ALA B 116 -10.38 -17.21 -29.22
CA ALA B 116 -8.95 -17.00 -29.40
C ALA B 116 -8.17 -16.94 -28.09
N THR B 117 -8.13 -18.07 -27.37
CA THR B 117 -7.39 -18.12 -26.12
C THR B 117 -6.15 -18.97 -26.35
N SER B 118 -4.98 -18.41 -26.01
CA SER B 118 -3.73 -19.14 -26.21
C SER B 118 -3.78 -20.44 -25.43
N ASP B 119 -2.92 -21.39 -25.81
CA ASP B 119 -2.87 -22.68 -25.14
C ASP B 119 -2.49 -22.47 -23.68
N GLU B 120 -1.45 -21.68 -23.46
CA GLU B 120 -0.99 -21.41 -22.10
C GLU B 120 -2.10 -20.76 -21.29
N ALA B 121 -2.86 -19.87 -21.92
CA ALA B 121 -3.96 -19.18 -21.24
C ALA B 121 -5.01 -20.20 -20.83
N LYS B 122 -5.35 -21.10 -21.75
CA LYS B 122 -6.33 -22.14 -21.46
C LYS B 122 -5.80 -23.05 -20.36
N ALA B 123 -4.51 -23.37 -20.45
CA ALA B 123 -3.88 -24.23 -19.46
C ALA B 123 -3.91 -23.57 -18.10
N ALA B 124 -3.76 -22.24 -18.11
CA ALA B 124 -3.78 -21.47 -16.87
C ALA B 124 -5.19 -21.49 -16.28
N ALA B 125 -6.19 -21.22 -17.11
CA ALA B 125 -7.57 -21.19 -16.67
C ALA B 125 -8.01 -22.57 -16.15
N ALA B 126 -7.62 -23.62 -16.86
CA ALA B 126 -7.97 -24.97 -16.47
C ALA B 126 -7.39 -25.24 -15.09
N GLU B 127 -6.16 -24.78 -14.88
CA GLU B 127 -5.48 -24.93 -13.60
C GLU B 127 -6.22 -24.21 -12.49
N SER B 128 -6.76 -23.04 -12.80
CA SER B 128 -7.49 -22.26 -11.81
C SER B 128 -8.82 -22.93 -11.45
N VAL B 129 -9.49 -23.47 -12.46
CA VAL B 129 -10.76 -24.16 -12.26
C VAL B 129 -10.53 -25.33 -11.30
N LYS B 130 -9.52 -26.13 -11.60
CA LYS B 130 -9.20 -27.30 -10.78
C LYS B 130 -8.89 -26.92 -9.35
N ASN B 131 -8.15 -25.83 -9.16
CA ASN B 131 -7.82 -25.39 -7.81
C ASN B 131 -9.10 -25.01 -7.09
N HIS B 132 -10.03 -24.40 -7.80
CA HIS B 132 -11.30 -24.02 -7.19
C HIS B 132 -12.10 -25.27 -6.84
N LEU B 133 -12.16 -26.22 -7.77
CA LEU B 133 -12.89 -27.45 -7.53
C LEU B 133 -12.33 -28.18 -6.30
N ALA B 134 -11.02 -28.25 -6.22
CA ALA B 134 -10.38 -28.91 -5.08
C ALA B 134 -10.78 -28.25 -3.77
N ALA B 135 -10.79 -26.91 -3.73
CA ALA B 135 -11.16 -26.20 -2.51
C ALA B 135 -12.64 -26.41 -2.23
N LEU B 136 -13.45 -26.35 -3.28
CA LEU B 136 -14.89 -26.54 -3.14
C LEU B 136 -15.21 -27.97 -2.71
N ASP B 137 -14.44 -28.92 -3.22
CA ASP B 137 -14.66 -30.33 -2.88
C ASP B 137 -14.37 -30.57 -1.40
N LYS B 138 -13.28 -29.97 -0.92
CA LYS B 138 -12.87 -30.08 0.48
C LYS B 138 -13.86 -29.41 1.41
N GLU B 139 -14.41 -28.29 0.96
CA GLU B 139 -15.38 -27.52 1.74
C GLU B 139 -16.72 -28.23 1.91
N LEU B 140 -17.17 -28.90 0.85
CA LEU B 140 -18.45 -29.61 0.87
C LEU B 140 -18.40 -31.08 1.26
N ALA B 141 -17.20 -31.58 1.57
CA ALA B 141 -17.06 -32.98 1.97
C ALA B 141 -17.89 -33.24 3.22
N GLY B 142 -18.88 -34.11 3.09
CA GLY B 142 -19.74 -34.42 4.22
C GLY B 142 -20.83 -33.40 4.45
N ARG B 143 -21.07 -32.54 3.46
CA ARG B 143 -22.11 -31.53 3.58
C ARG B 143 -23.00 -31.55 2.35
N ASP B 144 -24.28 -31.23 2.57
CA ASP B 144 -25.26 -31.23 1.49
C ASP B 144 -25.57 -29.82 0.98
N HIS B 145 -25.29 -28.81 1.79
CA HIS B 145 -25.58 -27.44 1.39
C HIS B 145 -24.38 -26.51 1.48
N TYR B 146 -24.24 -25.67 0.45
CA TYR B 146 -23.15 -24.71 0.33
C TYR B 146 -23.28 -23.50 1.26
N ALA B 147 -24.49 -22.97 1.41
CA ALA B 147 -24.71 -21.81 2.27
C ALA B 147 -25.63 -22.14 3.43
N GLY B 148 -25.05 -22.51 4.57
CA GLY B 148 -25.86 -22.85 5.71
C GLY B 148 -26.22 -24.33 5.74
N ASN B 149 -27.46 -24.63 6.10
CA ASN B 149 -27.90 -26.02 6.18
C ASN B 149 -29.17 -26.34 5.42
N ALA B 150 -29.66 -25.36 4.65
CA ALA B 150 -30.87 -25.58 3.87
C ALA B 150 -30.50 -25.40 2.41
N PHE B 151 -31.39 -25.85 1.53
CA PHE B 151 -31.18 -25.71 0.10
C PHE B 151 -31.45 -24.24 -0.23
N SER B 152 -30.57 -23.61 -0.99
CA SER B 152 -30.75 -22.20 -1.33
C SER B 152 -30.31 -21.91 -2.75
N VAL B 153 -30.51 -20.68 -3.20
CA VAL B 153 -30.10 -20.29 -4.55
C VAL B 153 -28.60 -20.41 -4.75
N ALA B 154 -27.82 -20.48 -3.67
CA ALA B 154 -26.37 -20.64 -3.80
C ALA B 154 -26.07 -22.06 -4.27
N ASP B 155 -26.88 -23.02 -3.81
CA ASP B 155 -26.72 -24.42 -4.19
C ASP B 155 -27.06 -24.55 -5.66
N ILE B 156 -28.16 -23.90 -6.07
CA ILE B 156 -28.62 -23.90 -7.45
C ILE B 156 -27.56 -23.29 -8.36
N TYR B 157 -27.00 -22.17 -7.91
CA TYR B 157 -25.97 -21.46 -8.64
C TYR B 157 -24.72 -22.35 -8.80
N LEU B 158 -24.25 -22.91 -7.69
CA LEU B 158 -23.08 -23.79 -7.75
C LEU B 158 -23.37 -25.05 -8.59
N TYR B 159 -24.55 -25.63 -8.43
CA TYR B 159 -24.90 -26.83 -9.20
C TYR B 159 -24.66 -26.57 -10.68
N VAL B 160 -25.24 -25.49 -11.17
CA VAL B 160 -25.11 -25.10 -12.56
C VAL B 160 -23.65 -25.05 -13.00
N MET B 161 -22.81 -24.33 -12.26
CA MET B 161 -21.42 -24.22 -12.65
C MET B 161 -20.66 -25.54 -12.58
N LEU B 162 -21.06 -26.43 -11.67
CA LEU B 162 -20.40 -27.72 -11.55
C LEU B 162 -20.61 -28.58 -12.79
N GLY B 163 -21.48 -28.13 -13.69
CA GLY B 163 -21.72 -28.87 -14.91
C GLY B 163 -20.79 -28.38 -16.02
N TRP B 164 -20.03 -27.32 -15.73
CA TRP B 164 -19.12 -26.74 -16.72
C TRP B 164 -17.76 -27.43 -16.90
N PRO B 165 -17.18 -27.95 -15.81
CA PRO B 165 -15.88 -28.62 -15.99
C PRO B 165 -15.91 -29.76 -16.99
N ALA B 166 -16.83 -30.70 -16.81
CA ALA B 166 -16.94 -31.83 -17.72
C ALA B 166 -17.09 -31.28 -19.13
N TYR B 167 -17.68 -30.10 -19.23
CA TYR B 167 -17.88 -29.44 -20.51
C TYR B 167 -16.53 -29.02 -21.11
N VAL B 168 -15.61 -28.59 -20.25
CA VAL B 168 -14.28 -28.15 -20.70
C VAL B 168 -13.15 -29.17 -20.50
N GLY B 169 -13.49 -30.45 -20.58
CA GLY B 169 -12.50 -31.50 -20.46
C GLY B 169 -11.88 -31.79 -19.11
N ILE B 170 -12.56 -31.42 -18.03
CA ILE B 170 -12.03 -31.69 -16.70
C ILE B 170 -12.88 -32.78 -16.07
N ASP B 171 -12.22 -33.86 -15.63
CA ASP B 171 -12.92 -34.98 -15.04
C ASP B 171 -13.27 -34.77 -13.57
N MET B 172 -14.57 -34.80 -13.28
CA MET B 172 -15.07 -34.59 -11.91
C MET B 172 -14.79 -35.74 -10.96
N ALA B 173 -14.35 -36.88 -11.49
CA ALA B 173 -14.06 -38.05 -10.67
C ALA B 173 -13.03 -37.69 -9.60
N ALA B 174 -12.30 -36.61 -9.84
CA ALA B 174 -11.30 -36.18 -8.89
C ALA B 174 -11.93 -35.48 -7.68
N TYR B 175 -13.21 -35.15 -7.78
CA TYR B 175 -13.89 -34.46 -6.68
C TYR B 175 -15.17 -35.19 -6.25
N PRO B 176 -15.01 -36.28 -5.50
CA PRO B 176 -16.11 -37.12 -4.99
C PRO B 176 -17.23 -36.36 -4.28
N ALA B 177 -16.85 -35.51 -3.33
CA ALA B 177 -17.81 -34.71 -2.57
C ALA B 177 -18.67 -33.82 -3.47
N LEU B 178 -18.06 -33.27 -4.53
CA LEU B 178 -18.80 -32.41 -5.44
C LEU B 178 -19.79 -33.25 -6.27
N GLY B 179 -19.34 -34.42 -6.70
CA GLY B 179 -20.20 -35.29 -7.48
C GLY B 179 -21.40 -35.70 -6.66
N ALA B 180 -21.16 -36.07 -5.40
CA ALA B 180 -22.25 -36.46 -4.53
C ALA B 180 -23.17 -35.25 -4.36
N TYR B 181 -22.57 -34.10 -4.04
CA TYR B 181 -23.29 -32.86 -3.85
C TYR B 181 -24.17 -32.54 -5.05
N ALA B 182 -23.57 -32.53 -6.24
CA ALA B 182 -24.31 -32.22 -7.45
C ALA B 182 -25.39 -33.27 -7.76
N GLY B 183 -25.07 -34.54 -7.52
CA GLY B 183 -26.02 -35.62 -7.77
C GLY B 183 -27.35 -35.43 -7.06
N LYS B 184 -27.31 -35.04 -5.79
CA LYS B 184 -28.53 -34.83 -5.04
C LYS B 184 -29.36 -33.73 -5.69
N ILE B 185 -28.72 -32.61 -5.97
CA ILE B 185 -29.39 -31.48 -6.58
C ILE B 185 -30.00 -31.81 -7.94
N ALA B 186 -29.27 -32.57 -8.76
CA ALA B 186 -29.73 -32.94 -10.10
C ALA B 186 -31.06 -33.67 -10.07
N GLN B 187 -31.41 -34.28 -8.95
CA GLN B 187 -32.66 -35.00 -8.83
C GLN B 187 -33.91 -34.16 -8.55
N ARG B 188 -33.73 -32.96 -8.02
CA ARG B 188 -34.89 -32.13 -7.73
C ARG B 188 -35.67 -31.98 -9.03
N PRO B 189 -37.01 -32.10 -8.96
CA PRO B 189 -37.85 -31.97 -10.15
C PRO B 189 -37.69 -30.64 -10.89
N ALA B 190 -37.39 -29.57 -10.16
CA ALA B 190 -37.23 -28.27 -10.77
C ALA B 190 -35.99 -28.24 -11.66
N VAL B 191 -34.96 -28.99 -11.30
CA VAL B 191 -33.75 -29.02 -12.12
C VAL B 191 -34.09 -29.66 -13.47
N GLY B 192 -34.68 -30.85 -13.43
CA GLY B 192 -35.03 -31.54 -14.66
C GLY B 192 -36.06 -30.76 -15.46
N ALA B 193 -36.99 -30.09 -14.77
CA ALA B 193 -38.01 -29.30 -15.45
C ALA B 193 -37.38 -28.14 -16.22
N ALA B 194 -36.43 -27.45 -15.59
CA ALA B 194 -35.78 -26.33 -16.25
C ALA B 194 -34.97 -26.84 -17.42
N LEU B 195 -34.19 -27.90 -17.19
CA LEU B 195 -33.37 -28.49 -18.23
C LEU B 195 -34.20 -28.90 -19.45
N LYS B 196 -35.30 -29.63 -19.21
CA LYS B 196 -36.15 -30.06 -20.32
C LYS B 196 -36.64 -28.85 -21.10
N ALA B 197 -37.07 -27.82 -20.38
CA ALA B 197 -37.58 -26.61 -21.01
C ALA B 197 -36.52 -25.93 -21.88
N GLU B 198 -35.24 -26.10 -21.54
CA GLU B 198 -34.18 -25.48 -22.34
C GLU B 198 -33.80 -26.43 -23.49
N GLY B 199 -34.34 -27.64 -23.44
CA GLY B 199 -34.07 -28.64 -24.48
C GLY B 199 -32.81 -29.45 -24.20
N LEU B 200 -32.42 -29.53 -22.94
CA LEU B 200 -31.21 -30.24 -22.54
C LEU B 200 -31.52 -31.43 -21.64
N ALA B 201 -32.73 -31.97 -21.76
CA ALA B 201 -33.15 -33.12 -20.95
C ALA B 201 -34.25 -33.88 -21.68
N MET C 1 39.12 21.51 19.09
CA MET C 1 38.18 20.63 18.35
C MET C 1 38.46 19.17 18.68
N LYS C 2 37.54 18.55 19.42
CA LYS C 2 37.67 17.16 19.80
C LYS C 2 36.67 16.30 19.05
N LEU C 3 37.14 15.18 18.50
CA LEU C 3 36.26 14.26 17.79
C LEU C 3 36.16 13.01 18.64
N PHE C 4 34.97 12.73 19.16
CA PHE C 4 34.77 11.56 19.99
C PHE C 4 34.50 10.34 19.11
N ILE C 5 35.32 9.32 19.29
CA ILE C 5 35.21 8.11 18.48
C ILE C 5 35.22 6.79 19.25
N SER C 6 35.11 5.71 18.49
CA SER C 6 35.15 4.35 19.02
C SER C 6 35.71 3.52 17.87
N PRO C 7 36.76 2.73 18.14
CA PRO C 7 37.41 1.88 17.14
C PRO C 7 36.46 1.19 16.16
N GLY C 8 36.60 1.52 14.87
CA GLY C 8 35.79 0.89 13.83
C GLY C 8 34.34 1.34 13.66
N ALA C 9 33.79 2.07 14.62
CA ALA C 9 32.41 2.53 14.51
C ALA C 9 32.24 3.52 13.35
N CYS C 10 31.00 4.01 13.17
CA CYS C 10 30.68 4.96 12.10
C CYS C 10 31.53 6.23 12.24
N SER C 11 32.05 6.44 13.45
CA SER C 11 32.89 7.60 13.73
C SER C 11 34.22 7.56 12.98
N LEU C 12 34.53 6.42 12.35
CA LEU C 12 35.76 6.30 11.60
C LEU C 12 35.77 7.23 10.38
N ALA C 13 34.58 7.65 9.94
CA ALA C 13 34.46 8.53 8.77
C ALA C 13 34.96 9.95 9.06
N PRO C 14 34.48 10.58 10.14
CA PRO C 14 34.96 11.94 10.44
C PRO C 14 36.44 11.91 10.81
N HIS C 15 36.88 10.78 11.36
CA HIS C 15 38.29 10.64 11.74
C HIS C 15 39.13 10.71 10.47
N ILE C 16 38.78 9.91 9.48
CA ILE C 16 39.51 9.91 8.20
C ILE C 16 39.41 11.30 7.54
N ALA C 17 38.21 11.87 7.54
CA ALA C 17 38.00 13.19 6.93
C ALA C 17 38.89 14.25 7.54
N LEU C 18 39.04 14.24 8.86
CA LEU C 18 39.88 15.21 9.54
C LEU C 18 41.35 14.98 9.19
N ARG C 19 41.71 13.72 8.97
CA ARG C 19 43.08 13.40 8.61
C ARG C 19 43.32 13.77 7.14
N GLU C 20 42.25 13.75 6.35
CA GLU C 20 42.35 14.10 4.94
C GLU C 20 42.59 15.61 4.82
N THR C 21 41.91 16.38 5.65
CA THR C 21 42.06 17.83 5.60
C THR C 21 43.31 18.33 6.31
N GLY C 22 43.81 17.55 7.28
CA GLY C 22 45.00 17.95 8.00
C GLY C 22 44.78 18.95 9.11
N ALA C 23 43.51 19.28 9.37
CA ALA C 23 43.16 20.23 10.42
C ALA C 23 43.58 19.72 11.80
N ASP C 24 43.70 20.63 12.76
CA ASP C 24 44.10 20.26 14.10
C ASP C 24 42.90 19.72 14.84
N PHE C 25 43.08 18.60 15.54
CA PHE C 25 42.00 17.99 16.29
C PHE C 25 42.56 16.94 17.22
N GLU C 26 41.81 16.68 18.29
CA GLU C 26 42.19 15.67 19.26
C GLU C 26 41.14 14.56 19.15
N ALA C 27 41.60 13.33 18.94
CA ALA C 27 40.69 12.21 18.86
C ALA C 27 40.56 11.63 20.27
N VAL C 28 39.35 11.65 20.82
CA VAL C 28 39.12 11.12 22.15
C VAL C 28 38.35 9.81 22.01
N LYS C 29 38.94 8.73 22.48
CA LYS C 29 38.30 7.43 22.41
C LYS C 29 37.21 7.29 23.46
N VAL C 30 36.18 6.52 23.14
CA VAL C 30 35.05 6.30 24.04
C VAL C 30 34.70 4.82 24.15
N ASP C 31 34.30 4.40 25.35
CA ASP C 31 33.90 3.02 25.59
C ASP C 31 32.37 3.02 25.50
N LEU C 32 31.85 2.67 24.33
CA LEU C 32 30.41 2.66 24.08
C LEU C 32 29.57 1.86 25.07
N ALA C 33 30.10 0.75 25.57
CA ALA C 33 29.37 -0.10 26.52
C ALA C 33 29.12 0.60 27.85
N VAL C 34 30.13 1.32 28.35
CA VAL C 34 30.03 2.03 29.62
C VAL C 34 29.74 3.51 29.42
N ARG C 35 29.84 3.97 28.18
CA ARG C 35 29.60 5.37 27.85
C ARG C 35 30.53 6.31 28.60
N LYS C 36 31.82 6.00 28.55
CA LYS C 36 32.85 6.81 29.20
C LYS C 36 34.03 6.99 28.24
N THR C 37 34.77 8.07 28.40
CA THR C 37 35.93 8.34 27.56
C THR C 37 37.12 7.65 28.21
N GLU C 38 38.13 7.31 27.41
CA GLU C 38 39.32 6.64 27.93
C GLU C 38 39.93 7.41 29.10
N ALA C 39 39.57 8.68 29.23
CA ALA C 39 40.09 9.52 30.31
C ALA C 39 39.24 9.33 31.56
N GLY C 40 38.30 8.39 31.50
CA GLY C 40 37.44 8.13 32.64
C GLY C 40 36.32 9.14 32.79
N GLU C 41 35.98 9.83 31.71
CA GLU C 41 34.93 10.83 31.75
C GLU C 41 33.60 10.35 31.18
N ASP C 42 32.51 10.89 31.70
CA ASP C 42 31.16 10.53 31.26
C ASP C 42 30.92 11.11 29.87
N PHE C 43 30.70 10.24 28.90
CA PHE C 43 30.46 10.67 27.53
C PHE C 43 29.08 11.30 27.34
N LEU C 44 28.11 10.87 28.14
CA LEU C 44 26.75 11.38 28.05
C LEU C 44 26.67 12.89 28.24
N THR C 45 27.72 13.48 28.80
CA THR C 45 27.76 14.92 29.00
C THR C 45 28.12 15.64 27.69
N VAL C 46 28.70 14.90 26.76
CA VAL C 46 29.07 15.46 25.46
C VAL C 46 27.91 15.20 24.50
N ASN C 47 27.38 13.98 24.55
CA ASN C 47 26.25 13.58 23.72
C ASN C 47 25.35 12.72 24.60
N PRO C 48 24.21 13.29 25.04
CA PRO C 48 23.26 12.57 25.90
C PRO C 48 22.83 11.21 25.37
N SER C 49 22.87 11.03 24.06
CA SER C 49 22.47 9.77 23.45
C SER C 49 23.60 8.75 23.61
N GLY C 50 24.77 9.25 24.00
CA GLY C 50 25.93 8.39 24.21
C GLY C 50 26.47 7.78 22.94
N LYS C 51 26.19 8.41 21.79
CA LYS C 51 26.67 7.88 20.52
C LYS C 51 27.80 8.70 19.91
N VAL C 52 28.61 8.02 19.10
CA VAL C 52 29.69 8.67 18.39
C VAL C 52 29.29 8.59 16.91
N PRO C 53 29.81 9.49 16.08
CA PRO C 53 30.74 10.55 16.46
C PRO C 53 30.07 11.74 17.13
N ALA C 54 30.89 12.59 17.72
CA ALA C 54 30.45 13.81 18.38
C ALA C 54 31.63 14.75 18.17
N LEU C 55 31.36 15.95 17.70
CA LEU C 55 32.45 16.90 17.46
C LEU C 55 32.26 18.16 18.30
N THR C 56 33.24 18.44 19.15
CA THR C 56 33.17 19.63 19.98
C THR C 56 34.12 20.65 19.39
N LEU C 57 33.57 21.81 19.04
CA LEU C 57 34.36 22.88 18.46
C LEU C 57 35.16 23.60 19.56
N ASP C 58 36.07 24.46 19.15
CA ASP C 58 36.89 25.20 20.10
C ASP C 58 36.04 26.02 21.06
N SER C 59 34.89 26.49 20.58
CA SER C 59 34.00 27.29 21.40
C SER C 59 33.42 26.50 22.57
N GLY C 60 33.20 25.21 22.36
CA GLY C 60 32.64 24.37 23.40
C GLY C 60 31.40 23.68 22.86
N GLU C 61 30.94 24.16 21.71
CA GLU C 61 29.78 23.61 21.02
C GLU C 61 30.04 22.18 20.55
N THR C 62 29.09 21.28 20.81
CA THR C 62 29.23 19.90 20.37
C THR C 62 28.26 19.66 19.22
N LEU C 63 28.77 19.08 18.14
CA LEU C 63 27.97 18.81 16.95
C LEU C 63 27.74 17.30 16.85
N THR C 64 26.52 16.89 16.52
CA THR C 64 26.23 15.45 16.39
C THR C 64 25.68 15.12 15.00
N GLU C 65 25.67 13.83 14.67
CA GLU C 65 25.19 13.29 13.39
C GLU C 65 26.26 13.38 12.30
N ASN C 66 26.67 12.21 11.79
CA ASN C 66 27.70 12.14 10.77
C ASN C 66 27.54 13.13 9.61
N PRO C 67 26.33 13.23 9.04
CA PRO C 67 26.10 14.17 7.93
C PRO C 67 26.54 15.60 8.24
N ALA C 68 26.11 16.12 9.38
CA ALA C 68 26.47 17.48 9.77
C ALA C 68 27.95 17.60 10.11
N ILE C 69 28.49 16.58 10.76
CA ILE C 69 29.90 16.57 11.14
C ILE C 69 30.83 16.45 9.94
N LEU C 70 30.52 15.53 9.03
CA LEU C 70 31.35 15.34 7.85
C LEU C 70 31.37 16.62 7.01
N LEU C 71 30.19 17.18 6.78
CA LEU C 71 30.07 18.40 5.98
C LEU C 71 30.80 19.56 6.65
N TYR C 72 30.65 19.69 7.96
CA TYR C 72 31.32 20.76 8.68
C TYR C 72 32.83 20.66 8.54
N ILE C 73 33.35 19.45 8.63
CA ILE C 73 34.78 19.23 8.51
C ILE C 73 35.26 19.58 7.10
N ALA C 74 34.52 19.13 6.10
CA ALA C 74 34.90 19.41 4.72
C ALA C 74 34.89 20.92 4.43
N ASP C 75 33.97 21.64 5.03
CA ASP C 75 33.85 23.08 4.83
C ASP C 75 34.93 23.90 5.54
N GLN C 76 35.55 23.34 6.58
CA GLN C 76 36.59 24.05 7.29
C GLN C 76 37.86 24.12 6.47
N ASN C 77 37.98 23.22 5.49
CA ASN C 77 39.14 23.18 4.62
C ASN C 77 38.70 22.87 3.20
N PRO C 78 38.05 23.84 2.55
CA PRO C 78 37.55 23.68 1.17
C PRO C 78 38.62 23.28 0.15
N ALA C 79 39.87 23.65 0.41
CA ALA C 79 40.96 23.32 -0.50
C ALA C 79 41.07 21.81 -0.67
N SER C 80 40.63 21.07 0.35
CA SER C 80 40.68 19.60 0.33
C SER C 80 39.68 19.07 -0.68
N GLY C 81 38.65 19.86 -0.95
CA GLY C 81 37.63 19.47 -1.91
C GLY C 81 36.82 18.24 -1.54
N LEU C 82 36.61 18.02 -0.25
CA LEU C 82 35.86 16.85 0.22
C LEU C 82 34.35 17.05 0.08
N ALA C 83 33.96 18.23 -0.39
CA ALA C 83 32.56 18.56 -0.60
C ALA C 83 32.45 19.73 -1.58
N PRO C 84 31.42 19.72 -2.45
CA PRO C 84 31.25 20.80 -3.41
C PRO C 84 31.10 22.16 -2.72
N ALA C 85 31.41 23.22 -3.45
CA ALA C 85 31.35 24.58 -2.92
C ALA C 85 30.01 24.91 -2.28
N GLU C 86 30.06 25.56 -1.13
CA GLU C 86 28.87 25.97 -0.39
C GLU C 86 27.96 26.80 -1.29
N GLY C 87 26.91 26.18 -1.82
CA GLY C 87 25.98 26.90 -2.67
C GLY C 87 25.79 26.32 -4.06
N SER C 88 26.50 25.24 -4.36
CA SER C 88 26.37 24.60 -5.67
C SER C 88 25.32 23.50 -5.63
N LEU C 89 24.76 23.18 -6.80
CA LEU C 89 23.75 22.13 -6.91
C LEU C 89 24.31 20.77 -6.51
N ASP C 90 25.60 20.55 -6.75
CA ASP C 90 26.24 19.29 -6.40
C ASP C 90 26.19 19.03 -4.91
N ARG C 91 26.00 20.09 -4.14
CA ARG C 91 25.95 19.97 -2.69
C ARG C 91 24.72 19.20 -2.22
N TYR C 92 23.62 19.34 -2.94
CA TYR C 92 22.39 18.64 -2.57
C TYR C 92 22.56 17.15 -2.85
N ARG C 93 23.21 16.82 -3.96
CA ARG C 93 23.45 15.43 -4.30
C ARG C 93 24.26 14.77 -3.15
N LEU C 94 25.31 15.46 -2.70
CA LEU C 94 26.14 14.94 -1.60
C LEU C 94 25.28 14.72 -0.35
N LEU C 95 24.48 15.73 -0.03
CA LEU C 95 23.57 15.70 1.12
C LEU C 95 22.68 14.46 1.02
N SER C 96 22.22 14.16 -0.18
CA SER C 96 21.39 12.98 -0.41
C SER C 96 22.18 11.70 -0.08
N ARG C 97 23.42 11.64 -0.54
CA ARG C 97 24.27 10.47 -0.30
C ARG C 97 24.47 10.23 1.19
N LEU C 98 24.86 11.28 1.90
CA LEU C 98 25.11 11.19 3.33
C LEU C 98 23.84 10.76 4.06
N SER C 99 22.72 11.33 3.65
CA SER C 99 21.44 11.02 4.24
C SER C 99 21.06 9.54 4.03
N PHE C 100 21.21 9.06 2.80
CA PHE C 100 20.90 7.67 2.48
C PHE C 100 21.74 6.72 3.31
N LEU C 101 23.03 7.01 3.38
CA LEU C 101 23.97 6.21 4.13
C LEU C 101 23.61 6.17 5.61
N GLY C 102 23.36 7.34 6.19
CA GLY C 102 23.02 7.40 7.60
C GLY C 102 21.69 6.82 8.02
N SER C 103 20.65 7.04 7.21
CA SER C 103 19.33 6.55 7.56
C SER C 103 18.95 5.19 6.98
N GLU C 104 19.58 4.80 5.89
CA GLU C 104 19.26 3.52 5.26
C GLU C 104 20.34 2.45 5.40
N PHE C 105 21.50 2.68 4.81
CA PHE C 105 22.55 1.67 4.86
C PHE C 105 23.07 1.37 6.27
N HIS C 106 23.39 2.42 7.02
CA HIS C 106 23.89 2.24 8.37
C HIS C 106 22.86 1.50 9.25
N LYS C 107 21.60 1.95 9.18
CA LYS C 107 20.55 1.34 9.98
C LYS C 107 20.28 -0.13 9.67
N ALA C 108 20.61 -0.57 8.45
CA ALA C 108 20.37 -1.97 8.10
C ALA C 108 21.32 -2.90 8.86
N PHE C 109 22.43 -2.35 9.36
CA PHE C 109 23.42 -3.13 10.11
C PHE C 109 23.08 -3.26 11.60
N VAL C 110 22.55 -2.18 12.18
CA VAL C 110 22.22 -2.12 13.60
C VAL C 110 21.75 -3.43 14.25
N PRO C 111 20.69 -4.05 13.72
CA PRO C 111 20.21 -5.31 14.30
C PRO C 111 21.32 -6.34 14.49
N LEU C 112 22.24 -6.41 13.52
CA LEU C 112 23.35 -7.35 13.56
C LEU C 112 24.37 -7.03 14.65
N PHE C 113 24.46 -5.75 15.01
CA PHE C 113 25.39 -5.32 16.04
C PHE C 113 24.72 -5.38 17.42
N ALA C 114 23.41 -5.56 17.42
CA ALA C 114 22.64 -5.63 18.66
C ALA C 114 22.93 -6.89 19.47
N PRO C 115 22.76 -6.83 20.80
CA PRO C 115 23.00 -7.96 21.71
C PRO C 115 22.07 -9.15 21.47
N ALA C 116 20.91 -9.11 22.14
CA ALA C 116 19.94 -10.19 22.03
C ALA C 116 18.96 -10.00 20.88
N THR C 117 19.44 -10.22 19.66
CA THR C 117 18.60 -10.08 18.48
C THR C 117 18.24 -11.49 18.01
N SER C 118 16.94 -11.77 17.90
CA SER C 118 16.49 -13.08 17.46
C SER C 118 17.25 -13.49 16.21
N ASP C 119 17.43 -14.79 16.03
CA ASP C 119 18.16 -15.29 14.87
C ASP C 119 17.43 -14.93 13.58
N GLU C 120 16.10 -14.94 13.64
CA GLU C 120 15.29 -14.61 12.48
C GLU C 120 15.42 -13.14 12.11
N ALA C 121 15.61 -12.30 13.13
CA ALA C 121 15.77 -10.87 12.92
C ALA C 121 17.15 -10.62 12.33
N LYS C 122 18.12 -11.44 12.72
CA LYS C 122 19.49 -11.34 12.21
C LYS C 122 19.45 -11.60 10.72
N ALA C 123 18.87 -12.75 10.35
CA ALA C 123 18.75 -13.15 8.96
C ALA C 123 18.01 -12.10 8.15
N ALA C 124 17.06 -11.43 8.79
CA ALA C 124 16.27 -10.39 8.14
C ALA C 124 17.17 -9.18 7.86
N ALA C 125 17.97 -8.80 8.86
CA ALA C 125 18.87 -7.67 8.73
C ALA C 125 19.96 -8.02 7.71
N ALA C 126 20.42 -9.27 7.76
CA ALA C 126 21.46 -9.74 6.85
C ALA C 126 20.94 -9.62 5.43
N GLU C 127 19.68 -10.03 5.24
CA GLU C 127 19.07 -9.98 3.93
C GLU C 127 18.92 -8.53 3.45
N SER C 128 18.64 -7.62 4.37
CA SER C 128 18.49 -6.22 4.00
C SER C 128 19.84 -5.66 3.57
N VAL C 129 20.86 -5.94 4.37
CA VAL C 129 22.20 -5.48 4.06
C VAL C 129 22.59 -5.94 2.67
N LYS C 130 22.41 -7.23 2.41
CA LYS C 130 22.73 -7.80 1.11
C LYS C 130 22.03 -7.06 -0.03
N ASN C 131 20.75 -6.79 0.15
CA ASN C 131 19.98 -6.07 -0.86
C ASN C 131 20.55 -4.67 -1.04
N HIS C 132 21.03 -4.06 0.05
CA HIS C 132 21.62 -2.74 -0.06
C HIS C 132 22.95 -2.85 -0.81
N LEU C 133 23.75 -3.84 -0.46
CA LEU C 133 25.04 -4.05 -1.11
C LEU C 133 24.83 -4.28 -2.60
N ALA C 134 23.83 -5.09 -2.93
CA ALA C 134 23.55 -5.39 -4.33
C ALA C 134 23.23 -4.13 -5.11
N ALA C 135 22.41 -3.25 -4.55
CA ALA C 135 22.05 -2.00 -5.23
C ALA C 135 23.27 -1.07 -5.33
N LEU C 136 24.10 -1.04 -4.29
CA LEU C 136 25.29 -0.20 -4.31
C LEU C 136 26.29 -0.74 -5.34
N ASP C 137 26.48 -2.05 -5.36
CA ASP C 137 27.41 -2.68 -6.28
C ASP C 137 27.01 -2.35 -7.71
N LYS C 138 25.71 -2.38 -7.98
CA LYS C 138 25.20 -2.07 -9.31
C LYS C 138 25.43 -0.60 -9.64
N GLU C 139 25.12 0.27 -8.69
CA GLU C 139 25.27 1.71 -8.87
C GLU C 139 26.73 2.13 -9.07
N LEU C 140 27.65 1.45 -8.38
CA LEU C 140 29.06 1.82 -8.49
C LEU C 140 29.88 1.03 -9.52
N ALA C 141 29.26 0.07 -10.19
CA ALA C 141 29.97 -0.71 -11.19
C ALA C 141 30.50 0.25 -12.26
N GLY C 142 31.81 0.24 -12.47
CA GLY C 142 32.39 1.12 -13.48
C GLY C 142 32.61 2.53 -12.97
N ARG C 143 32.12 2.82 -11.76
CA ARG C 143 32.29 4.15 -11.18
C ARG C 143 33.39 4.20 -10.12
N ASP C 144 33.99 5.37 -10.00
CA ASP C 144 35.08 5.62 -9.07
C ASP C 144 34.61 6.28 -7.77
N HIS C 145 33.57 7.11 -7.87
CA HIS C 145 33.05 7.82 -6.71
C HIS C 145 31.55 7.71 -6.56
N TYR C 146 31.09 7.91 -5.32
CA TYR C 146 29.68 7.81 -4.97
C TYR C 146 28.89 9.07 -5.28
N ALA C 147 29.51 10.23 -5.04
CA ALA C 147 28.85 11.50 -5.30
C ALA C 147 29.62 12.28 -6.35
N GLY C 148 29.21 12.14 -7.61
CA GLY C 148 29.89 12.84 -8.69
C GLY C 148 31.14 12.11 -9.14
N ASN C 149 32.13 12.86 -9.61
CA ASN C 149 33.39 12.26 -10.09
C ASN C 149 34.61 12.66 -9.27
N ALA C 150 34.40 13.11 -8.04
CA ALA C 150 35.50 13.51 -7.18
C ALA C 150 35.37 12.93 -5.79
N PHE C 151 36.51 12.60 -5.18
CA PHE C 151 36.54 12.04 -3.83
C PHE C 151 35.87 13.01 -2.86
N SER C 152 34.88 12.52 -2.11
CA SER C 152 34.16 13.36 -1.16
C SER C 152 33.91 12.61 0.15
N VAL C 153 33.39 13.33 1.15
CA VAL C 153 33.09 12.70 2.43
C VAL C 153 32.07 11.56 2.29
N ALA C 154 31.37 11.49 1.15
CA ALA C 154 30.40 10.41 0.96
C ALA C 154 31.17 9.12 0.66
N ASP C 155 32.30 9.26 -0.02
CA ASP C 155 33.14 8.11 -0.32
C ASP C 155 33.75 7.63 0.98
N ILE C 156 34.19 8.57 1.81
CA ILE C 156 34.77 8.22 3.11
C ILE C 156 33.71 7.50 3.94
N TYR C 157 32.52 8.11 4.00
CA TYR C 157 31.39 7.59 4.77
C TYR C 157 30.99 6.18 4.30
N LEU C 158 30.88 5.99 2.99
CA LEU C 158 30.51 4.68 2.44
C LEU C 158 31.62 3.67 2.65
N TYR C 159 32.87 4.10 2.43
CA TYR C 159 34.02 3.22 2.60
C TYR C 159 33.98 2.50 3.94
N VAL C 160 33.77 3.28 5.00
CA VAL C 160 33.71 2.79 6.37
C VAL C 160 32.65 1.72 6.54
N MET C 161 31.44 2.03 6.09
CA MET C 161 30.34 1.08 6.22
C MET C 161 30.57 -0.21 5.42
N LEU C 162 31.32 -0.12 4.32
CA LEU C 162 31.61 -1.31 3.51
C LEU C 162 32.56 -2.27 4.20
N GLY C 163 33.02 -1.89 5.39
CA GLY C 163 33.91 -2.77 6.15
C GLY C 163 33.11 -3.58 7.16
N TRP C 164 31.82 -3.24 7.30
CA TRP C 164 30.94 -3.93 8.25
C TRP C 164 30.42 -5.30 7.81
N PRO C 165 30.11 -5.48 6.51
CA PRO C 165 29.61 -6.77 6.05
C PRO C 165 30.54 -7.94 6.41
N ALA C 166 31.84 -7.76 6.23
CA ALA C 166 32.79 -8.79 6.56
C ALA C 166 32.67 -9.07 8.05
N TYR C 167 32.52 -8.00 8.82
CA TYR C 167 32.39 -8.10 10.26
C TYR C 167 31.21 -8.99 10.67
N VAL C 168 30.09 -8.87 9.96
CA VAL C 168 28.90 -9.66 10.28
C VAL C 168 28.74 -10.96 9.47
N GLY C 169 29.83 -11.47 8.93
CA GLY C 169 29.78 -12.72 8.19
C GLY C 169 29.27 -12.68 6.76
N ILE C 170 29.27 -11.50 6.13
CA ILE C 170 28.80 -11.42 4.75
C ILE C 170 29.99 -11.33 3.80
N ASP C 171 30.05 -12.27 2.86
CA ASP C 171 31.13 -12.36 1.88
C ASP C 171 31.05 -11.28 0.81
N MET C 172 31.98 -10.32 0.86
CA MET C 172 31.97 -9.24 -0.11
C MET C 172 32.37 -9.65 -1.52
N ALA C 173 32.73 -10.93 -1.68
CA ALA C 173 33.14 -11.45 -2.99
C ALA C 173 31.99 -11.34 -3.98
N ALA C 174 30.76 -11.34 -3.48
CA ALA C 174 29.59 -11.25 -4.32
C ALA C 174 29.40 -9.84 -4.90
N TYR C 175 30.19 -8.88 -4.42
CA TYR C 175 30.07 -7.51 -4.92
C TYR C 175 31.40 -6.94 -5.42
N PRO C 176 31.88 -7.43 -6.59
CA PRO C 176 33.13 -7.04 -7.25
C PRO C 176 33.35 -5.53 -7.32
N ALA C 177 32.35 -4.80 -7.78
CA ALA C 177 32.43 -3.35 -7.92
C ALA C 177 32.68 -2.65 -6.59
N LEU C 178 32.06 -3.14 -5.52
CA LEU C 178 32.25 -2.52 -4.23
C LEU C 178 33.65 -2.87 -3.73
N GLY C 179 34.08 -4.09 -4.05
CA GLY C 179 35.41 -4.51 -3.64
C GLY C 179 36.46 -3.60 -4.24
N ALA C 180 36.36 -3.37 -5.55
CA ALA C 180 37.30 -2.51 -6.27
C ALA C 180 37.19 -1.09 -5.74
N TYR C 181 35.95 -0.64 -5.55
CA TYR C 181 35.65 0.69 -5.03
C TYR C 181 36.32 0.94 -3.67
N ALA C 182 36.09 0.05 -2.73
CA ALA C 182 36.66 0.19 -1.39
C ALA C 182 38.18 0.02 -1.42
N GLY C 183 38.67 -0.81 -2.34
CA GLY C 183 40.09 -1.03 -2.46
C GLY C 183 40.85 0.24 -2.78
N LYS C 184 40.32 1.04 -3.70
CA LYS C 184 40.99 2.29 -4.07
C LYS C 184 41.13 3.19 -2.86
N ILE C 185 40.02 3.39 -2.17
CA ILE C 185 39.97 4.26 -1.01
C ILE C 185 40.81 3.78 0.17
N ALA C 186 40.94 2.47 0.33
CA ALA C 186 41.72 1.90 1.43
C ALA C 186 43.19 2.28 1.31
N GLN C 187 43.65 2.51 0.09
CA GLN C 187 45.04 2.86 -0.13
C GLN C 187 45.39 4.30 0.22
N ARG C 188 44.37 5.15 0.37
CA ARG C 188 44.60 6.55 0.71
C ARG C 188 45.36 6.62 2.04
N PRO C 189 46.43 7.42 2.09
CA PRO C 189 47.24 7.56 3.31
C PRO C 189 46.47 8.00 4.54
N ALA C 190 45.47 8.87 4.35
CA ALA C 190 44.66 9.34 5.47
C ALA C 190 43.87 8.17 6.06
N VAL C 191 43.44 7.25 5.20
CA VAL C 191 42.68 6.09 5.65
C VAL C 191 43.57 5.24 6.54
N GLY C 192 44.76 4.92 6.04
CA GLY C 192 45.69 4.12 6.80
C GLY C 192 46.08 4.77 8.12
N ALA C 193 46.33 6.07 8.09
CA ALA C 193 46.72 6.76 9.32
C ALA C 193 45.62 6.68 10.36
N ALA C 194 44.37 6.81 9.92
CA ALA C 194 43.24 6.77 10.84
C ALA C 194 43.05 5.38 11.43
N LEU C 195 43.12 4.36 10.59
CA LEU C 195 42.97 2.99 11.09
C LEU C 195 44.04 2.70 12.13
N LYS C 196 45.28 3.07 11.83
CA LYS C 196 46.37 2.84 12.77
C LYS C 196 46.14 3.58 14.07
N ALA C 197 45.76 4.85 13.97
CA ALA C 197 45.50 5.68 15.14
C ALA C 197 44.42 5.09 16.05
N GLU C 198 43.53 4.28 15.49
CA GLU C 198 42.48 3.67 16.31
C GLU C 198 42.94 2.26 16.69
N GLY C 199 44.20 1.96 16.38
CA GLY C 199 44.78 0.66 16.69
C GLY C 199 44.24 -0.50 15.89
N LEU C 200 43.75 -0.23 14.69
CA LEU C 200 43.17 -1.27 13.84
C LEU C 200 43.96 -1.54 12.56
N ALA C 201 45.14 -0.96 12.44
CA ALA C 201 45.96 -1.15 11.24
C ALA C 201 47.36 -1.59 11.59
N MET D 1 9.06 21.64 -11.88
CA MET D 1 9.57 20.87 -10.71
C MET D 1 8.53 19.85 -10.27
N LYS D 2 8.97 18.61 -10.09
CA LYS D 2 8.04 17.56 -9.67
C LYS D 2 8.41 16.93 -8.34
N LEU D 3 7.43 16.86 -7.45
CA LEU D 3 7.63 16.22 -6.17
C LEU D 3 6.82 14.94 -6.23
N PHE D 4 7.50 13.80 -6.12
CA PHE D 4 6.82 12.52 -6.15
C PHE D 4 6.42 12.21 -4.72
N ILE D 5 5.12 11.97 -4.53
CA ILE D 5 4.57 11.69 -3.21
C ILE D 5 3.65 10.48 -3.17
N SER D 6 3.33 10.07 -1.95
CA SER D 6 2.38 9.02 -1.72
C SER D 6 1.46 9.68 -0.71
N PRO D 7 0.23 10.00 -1.12
CA PRO D 7 -0.72 10.65 -0.21
C PRO D 7 -0.70 10.04 1.19
N GLY D 8 -0.39 10.87 2.18
CA GLY D 8 -0.35 10.43 3.57
C GLY D 8 0.98 9.96 4.14
N ALA D 9 2.01 9.77 3.30
CA ALA D 9 3.33 9.32 3.76
C ALA D 9 4.28 10.45 4.18
N CYS D 10 5.55 10.11 4.42
CA CYS D 10 6.56 11.10 4.84
C CYS D 10 6.79 12.18 3.78
N SER D 11 6.32 11.93 2.56
CA SER D 11 6.49 12.88 1.47
C SER D 11 5.66 14.15 1.70
N LEU D 12 4.83 14.13 2.73
CA LEU D 12 4.00 15.30 3.03
C LEU D 12 4.87 16.49 3.48
N ALA D 13 6.00 16.20 4.10
CA ALA D 13 6.88 17.27 4.59
C ALA D 13 7.38 18.19 3.46
N PRO D 14 8.01 17.62 2.42
CA PRO D 14 8.47 18.51 1.34
C PRO D 14 7.26 19.15 0.65
N HIS D 15 6.13 18.48 0.67
CA HIS D 15 4.93 19.02 0.04
C HIS D 15 4.53 20.31 0.75
N ILE D 16 4.52 20.27 2.07
CA ILE D 16 4.20 21.45 2.87
C ILE D 16 5.26 22.54 2.67
N ALA D 17 6.53 22.15 2.61
CA ALA D 17 7.63 23.09 2.44
C ALA D 17 7.51 23.86 1.12
N LEU D 18 7.28 23.12 0.04
CA LEU D 18 7.12 23.74 -1.28
C LEU D 18 5.99 24.76 -1.27
N ARG D 19 4.89 24.42 -0.60
CA ARG D 19 3.77 25.36 -0.54
C ARG D 19 4.10 26.57 0.33
N GLU D 20 4.91 26.37 1.37
CA GLU D 20 5.30 27.48 2.25
C GLU D 20 6.08 28.53 1.47
N THR D 21 6.87 28.07 0.50
CA THR D 21 7.69 28.96 -0.32
C THR D 21 6.98 29.45 -1.58
N GLY D 22 5.71 29.07 -1.73
CA GLY D 22 4.93 29.48 -2.89
C GLY D 22 5.55 29.08 -4.22
N ALA D 23 6.33 28.01 -4.21
CA ALA D 23 7.01 27.53 -5.42
C ALA D 23 6.07 26.90 -6.45
N ASP D 24 6.56 26.80 -7.68
CA ASP D 24 5.81 26.22 -8.78
C ASP D 24 6.22 24.77 -8.92
N PHE D 25 5.26 23.85 -8.81
CA PHE D 25 5.56 22.43 -8.91
C PHE D 25 4.29 21.62 -9.06
N GLU D 26 4.44 20.38 -9.50
CA GLU D 26 3.31 19.49 -9.62
C GLU D 26 3.61 18.31 -8.71
N ALA D 27 2.61 17.88 -7.96
CA ALA D 27 2.76 16.75 -7.07
C ALA D 27 2.37 15.53 -7.89
N VAL D 28 3.28 14.58 -8.02
CA VAL D 28 2.98 13.38 -8.78
C VAL D 28 2.76 12.25 -7.78
N LYS D 29 1.54 11.74 -7.73
CA LYS D 29 1.23 10.66 -6.80
C LYS D 29 1.83 9.34 -7.27
N VAL D 30 2.25 8.55 -6.29
CA VAL D 30 2.87 7.25 -6.55
C VAL D 30 2.15 6.16 -5.74
N ASP D 31 1.86 5.05 -6.39
CA ASP D 31 1.23 3.93 -5.72
C ASP D 31 2.42 3.04 -5.36
N LEU D 32 2.82 3.09 -4.10
CA LEU D 32 3.96 2.32 -3.60
C LEU D 32 3.78 0.80 -3.69
N ALA D 33 2.55 0.33 -3.85
CA ALA D 33 2.32 -1.09 -3.95
C ALA D 33 2.94 -1.62 -5.23
N VAL D 34 2.66 -0.96 -6.34
CA VAL D 34 3.18 -1.37 -7.65
C VAL D 34 4.31 -0.50 -8.18
N ARG D 35 4.73 0.50 -7.42
CA ARG D 35 5.81 1.39 -7.83
C ARG D 35 5.50 2.08 -9.16
N LYS D 36 4.28 2.57 -9.29
CA LYS D 36 3.84 3.26 -10.50
C LYS D 36 3.36 4.66 -10.13
N THR D 37 3.58 5.61 -11.04
CA THR D 37 3.15 6.97 -10.79
C THR D 37 1.73 7.08 -11.34
N GLU D 38 1.03 8.15 -10.97
CA GLU D 38 -0.33 8.32 -11.46
C GLU D 38 -0.31 8.57 -12.97
N ALA D 39 0.87 8.80 -13.53
CA ALA D 39 0.99 9.03 -14.96
C ALA D 39 1.27 7.70 -15.67
N GLY D 40 1.20 6.61 -14.91
CA GLY D 40 1.41 5.29 -15.47
C GLY D 40 2.85 4.89 -15.75
N GLU D 41 3.81 5.67 -15.28
CA GLU D 41 5.21 5.35 -15.53
C GLU D 41 5.84 4.57 -14.38
N ASP D 42 6.90 3.83 -14.69
CA ASP D 42 7.61 3.04 -13.70
C ASP D 42 8.35 3.98 -12.77
N PHE D 43 7.98 3.98 -11.50
CA PHE D 43 8.63 4.87 -10.55
C PHE D 43 10.08 4.48 -10.23
N LEU D 44 10.42 3.20 -10.43
CA LEU D 44 11.78 2.75 -10.14
C LEU D 44 12.79 3.42 -11.04
N THR D 45 12.30 4.04 -12.11
CA THR D 45 13.14 4.77 -13.06
C THR D 45 13.47 6.14 -12.46
N VAL D 46 12.61 6.63 -11.58
CA VAL D 46 12.81 7.92 -10.92
C VAL D 46 13.65 7.70 -9.68
N ASN D 47 13.33 6.65 -8.91
CA ASN D 47 14.08 6.31 -7.72
C ASN D 47 14.16 4.79 -7.62
N PRO D 48 15.33 4.22 -7.95
CA PRO D 48 15.51 2.77 -7.91
C PRO D 48 15.03 2.06 -6.64
N SER D 49 15.06 2.74 -5.50
CA SER D 49 14.60 2.11 -4.27
C SER D 49 13.07 2.05 -4.21
N GLY D 50 12.41 2.87 -5.03
CA GLY D 50 10.95 2.88 -5.05
C GLY D 50 10.32 3.66 -3.91
N LYS D 51 11.13 4.42 -3.18
CA LYS D 51 10.61 5.20 -2.06
C LYS D 51 10.40 6.66 -2.42
N VAL D 52 9.48 7.29 -1.69
CA VAL D 52 9.19 8.71 -1.84
C VAL D 52 9.69 9.33 -0.56
N PRO D 53 9.94 10.65 -0.54
CA PRO D 53 9.78 11.58 -1.65
C PRO D 53 10.96 11.62 -2.62
N ALA D 54 10.72 12.21 -3.79
CA ALA D 54 11.75 12.39 -4.81
C ALA D 54 11.37 13.73 -5.42
N LEU D 55 12.38 14.54 -5.74
CA LEU D 55 12.13 15.84 -6.32
C LEU D 55 12.93 16.01 -7.60
N THR D 56 12.24 16.20 -8.72
CA THR D 56 12.92 16.42 -10.01
C THR D 56 13.06 17.92 -10.14
N LEU D 57 14.30 18.39 -10.20
CA LEU D 57 14.55 19.82 -10.27
C LEU D 57 14.26 20.39 -11.65
N ASP D 58 14.15 21.72 -11.70
CA ASP D 58 13.92 22.38 -12.97
C ASP D 58 15.23 22.33 -13.75
N SER D 59 16.29 21.86 -13.09
CA SER D 59 17.60 21.72 -13.72
C SER D 59 17.64 20.36 -14.41
N GLY D 60 16.64 19.54 -14.11
CA GLY D 60 16.56 18.22 -14.72
C GLY D 60 16.96 17.02 -13.89
N GLU D 61 17.80 17.23 -12.89
CA GLU D 61 18.25 16.14 -12.02
C GLU D 61 17.16 15.76 -11.01
N THR D 62 17.32 14.59 -10.39
CA THR D 62 16.36 14.11 -9.40
C THR D 62 17.04 13.91 -8.04
N LEU D 63 16.42 14.47 -7.01
CA LEU D 63 16.94 14.40 -5.66
C LEU D 63 16.11 13.44 -4.81
N THR D 64 16.77 12.73 -3.89
CA THR D 64 16.07 11.85 -2.97
C THR D 64 16.54 12.19 -1.56
N GLU D 65 15.85 11.66 -0.55
CA GLU D 65 16.18 11.91 0.85
C GLU D 65 15.65 13.24 1.34
N ASN D 66 14.68 13.18 2.24
CA ASN D 66 14.05 14.36 2.82
C ASN D 66 15.01 15.45 3.27
N PRO D 67 16.09 15.08 3.98
CA PRO D 67 16.99 16.15 4.41
C PRO D 67 17.53 16.99 3.25
N ALA D 68 17.95 16.34 2.17
CA ALA D 68 18.48 17.03 1.00
C ALA D 68 17.36 17.75 0.24
N ILE D 69 16.22 17.09 0.12
CA ILE D 69 15.08 17.67 -0.58
C ILE D 69 14.56 18.89 0.15
N LEU D 70 14.38 18.78 1.45
CA LEU D 70 13.88 19.89 2.26
C LEU D 70 14.82 21.07 2.22
N LEU D 71 16.13 20.80 2.31
CA LEU D 71 17.12 21.86 2.32
C LEU D 71 17.09 22.60 0.97
N TYR D 72 17.01 21.84 -0.12
CA TYR D 72 16.97 22.44 -1.45
C TYR D 72 15.75 23.36 -1.59
N ILE D 73 14.57 22.88 -1.17
CA ILE D 73 13.36 23.66 -1.28
C ILE D 73 13.52 25.00 -0.54
N ALA D 74 14.03 24.94 0.68
CA ALA D 74 14.24 26.14 1.47
C ALA D 74 15.19 27.13 0.80
N ASP D 75 16.28 26.61 0.22
CA ASP D 75 17.29 27.43 -0.44
C ASP D 75 16.81 28.12 -1.70
N GLN D 76 15.77 27.58 -2.31
CA GLN D 76 15.21 28.15 -3.54
C GLN D 76 14.44 29.44 -3.27
N ASN D 77 13.98 29.60 -2.04
CA ASN D 77 13.23 30.79 -1.65
C ASN D 77 13.74 31.29 -0.32
N PRO D 78 14.97 31.83 -0.30
CA PRO D 78 15.56 32.35 0.93
C PRO D 78 14.69 33.35 1.68
N ALA D 79 13.74 33.95 0.96
CA ALA D 79 12.85 34.92 1.56
C ALA D 79 11.97 34.31 2.66
N SER D 80 11.57 33.06 2.48
CA SER D 80 10.72 32.41 3.48
C SER D 80 11.49 32.06 4.74
N GLY D 81 12.81 32.03 4.65
CA GLY D 81 13.64 31.72 5.81
C GLY D 81 13.42 30.36 6.46
N LEU D 82 13.26 29.31 5.65
CA LEU D 82 13.04 27.97 6.19
C LEU D 82 14.36 27.24 6.50
N ALA D 83 15.47 27.96 6.39
CA ALA D 83 16.77 27.38 6.67
C ALA D 83 17.79 28.49 6.79
N PRO D 84 18.73 28.35 7.74
CA PRO D 84 19.74 29.40 7.90
C PRO D 84 20.67 29.43 6.68
N ALA D 85 21.31 30.57 6.46
CA ALA D 85 22.21 30.74 5.32
C ALA D 85 23.40 29.79 5.38
N GLU D 86 23.95 29.48 4.21
CA GLU D 86 25.11 28.59 4.15
C GLU D 86 26.27 29.23 4.91
N GLY D 87 27.25 28.44 5.29
CA GLY D 87 28.40 28.98 6.01
C GLY D 87 28.16 29.32 7.48
N SER D 88 26.89 29.40 7.89
CA SER D 88 26.60 29.72 9.29
C SER D 88 26.62 28.47 10.15
N LEU D 89 26.80 28.67 11.46
CA LEU D 89 26.84 27.55 12.39
C LEU D 89 25.44 26.97 12.52
N ASP D 90 24.42 27.81 12.35
CA ASP D 90 23.04 27.35 12.45
C ASP D 90 22.73 26.36 11.35
N ARG D 91 23.37 26.51 10.20
CA ARG D 91 23.11 25.58 9.12
C ARG D 91 23.52 24.17 9.48
N TYR D 92 24.66 24.01 10.15
CA TYR D 92 25.11 22.68 10.53
C TYR D 92 24.20 22.13 11.62
N ARG D 93 23.74 23.01 12.50
CA ARG D 93 22.82 22.62 13.56
C ARG D 93 21.53 22.09 12.92
N LEU D 94 21.12 22.74 11.84
CA LEU D 94 19.91 22.33 11.13
C LEU D 94 20.18 20.97 10.47
N LEU D 95 21.34 20.86 9.85
CA LEU D 95 21.72 19.62 9.19
C LEU D 95 21.66 18.49 10.23
N SER D 96 22.16 18.80 11.43
CA SER D 96 22.18 17.84 12.53
C SER D 96 20.76 17.38 12.86
N ARG D 97 19.87 18.33 13.13
CA ARG D 97 18.49 18.00 13.46
C ARG D 97 17.81 17.22 12.36
N LEU D 98 18.03 17.61 11.11
CA LEU D 98 17.43 16.92 9.97
C LEU D 98 17.90 15.48 9.91
N SER D 99 19.19 15.28 10.16
CA SER D 99 19.78 13.94 10.14
C SER D 99 19.22 13.09 11.28
N PHE D 100 19.06 13.68 12.45
CA PHE D 100 18.52 12.94 13.59
C PHE D 100 17.08 12.53 13.30
N LEU D 101 16.30 13.45 12.75
CA LEU D 101 14.91 13.18 12.43
C LEU D 101 14.75 12.07 11.39
N GLY D 102 15.64 12.05 10.40
CA GLY D 102 15.54 11.05 9.35
C GLY D 102 16.14 9.68 9.65
N SER D 103 17.32 9.68 10.28
CA SER D 103 18.01 8.44 10.61
C SER D 103 17.57 7.78 11.91
N GLU D 104 17.10 8.59 12.86
CA GLU D 104 16.67 8.07 14.14
C GLU D 104 15.16 8.05 14.32
N PHE D 105 14.57 9.24 14.45
CA PHE D 105 13.13 9.34 14.68
C PHE D 105 12.29 8.61 13.65
N HIS D 106 12.38 9.02 12.40
CA HIS D 106 11.62 8.36 11.34
C HIS D 106 11.82 6.83 11.39
N LYS D 107 13.06 6.39 11.32
CA LYS D 107 13.37 4.96 11.35
C LYS D 107 12.81 4.22 12.56
N ALA D 108 12.58 4.92 13.67
CA ALA D 108 12.04 4.27 14.86
C ALA D 108 10.63 3.71 14.64
N PHE D 109 9.88 4.35 13.75
CA PHE D 109 8.51 3.96 13.42
C PHE D 109 8.38 2.75 12.48
N VAL D 110 9.34 2.60 11.58
CA VAL D 110 9.31 1.55 10.56
C VAL D 110 8.80 0.17 10.96
N PRO D 111 9.33 -0.42 12.04
CA PRO D 111 8.83 -1.75 12.41
C PRO D 111 7.31 -1.75 12.70
N LEU D 112 6.81 -0.62 13.17
CA LEU D 112 5.39 -0.50 13.48
C LEU D 112 4.51 -0.39 12.25
N PHE D 113 5.09 0.03 11.11
CA PHE D 113 4.33 0.16 9.86
C PHE D 113 4.28 -1.15 9.08
N ALA D 114 5.24 -2.04 9.34
CA ALA D 114 5.32 -3.33 8.66
C ALA D 114 4.51 -4.37 9.44
N PRO D 115 3.39 -4.84 8.87
CA PRO D 115 2.52 -5.83 9.51
C PRO D 115 3.16 -7.15 9.97
N ALA D 116 4.07 -7.69 9.16
CA ALA D 116 4.73 -8.95 9.50
C ALA D 116 5.76 -8.84 10.61
N THR D 117 5.66 -7.79 11.43
CA THR D 117 6.58 -7.57 12.53
C THR D 117 6.12 -8.31 13.78
N SER D 118 7.04 -8.98 14.45
CA SER D 118 6.71 -9.73 15.66
C SER D 118 6.14 -8.79 16.72
N ASP D 119 5.49 -9.35 17.73
CA ASP D 119 4.91 -8.54 18.80
C ASP D 119 6.01 -7.95 19.67
N GLU D 120 7.16 -8.63 19.72
CA GLU D 120 8.29 -8.15 20.49
C GLU D 120 8.93 -6.99 19.75
N ALA D 121 9.11 -7.16 18.45
CA ALA D 121 9.72 -6.12 17.63
C ALA D 121 8.88 -4.84 17.62
N LYS D 122 7.56 -5.00 17.71
CA LYS D 122 6.69 -3.84 17.72
C LYS D 122 6.80 -3.12 19.06
N ALA D 123 6.90 -3.90 20.13
CA ALA D 123 7.02 -3.34 21.47
C ALA D 123 8.32 -2.55 21.61
N ALA D 124 9.40 -3.12 21.10
CA ALA D 124 10.69 -2.47 21.17
C ALA D 124 10.66 -1.16 20.37
N ALA D 125 10.03 -1.20 19.20
CA ALA D 125 9.94 -0.01 18.36
C ALA D 125 9.06 1.05 19.01
N ALA D 126 7.97 0.62 19.65
CA ALA D 126 7.08 1.56 20.32
C ALA D 126 7.83 2.22 21.49
N GLU D 127 8.66 1.44 22.16
CA GLU D 127 9.45 1.97 23.27
C GLU D 127 10.46 2.99 22.73
N SER D 128 11.04 2.69 21.58
CA SER D 128 12.01 3.58 20.96
C SER D 128 11.32 4.88 20.59
N VAL D 129 10.17 4.77 19.94
CA VAL D 129 9.42 5.96 19.56
C VAL D 129 9.14 6.82 20.79
N LYS D 130 8.65 6.19 21.86
CA LYS D 130 8.34 6.91 23.09
C LYS D 130 9.57 7.62 23.67
N ASN D 131 10.70 6.92 23.66
CA ASN D 131 11.94 7.50 24.17
C ASN D 131 12.22 8.80 23.41
N HIS D 132 12.12 8.75 22.09
CA HIS D 132 12.36 9.96 21.30
C HIS D 132 11.30 11.01 21.57
N LEU D 133 10.04 10.60 21.64
CA LEU D 133 8.97 11.57 21.91
C LEU D 133 9.19 12.31 23.22
N ALA D 134 9.53 11.58 24.27
CA ALA D 134 9.76 12.18 25.58
C ALA D 134 10.89 13.20 25.54
N ALA D 135 11.97 12.86 24.84
CA ALA D 135 13.10 13.77 24.74
C ALA D 135 12.70 14.99 23.93
N LEU D 136 12.06 14.76 22.79
CA LEU D 136 11.62 15.87 21.93
C LEU D 136 10.67 16.77 22.72
N ASP D 137 9.76 16.16 23.49
CA ASP D 137 8.81 16.94 24.28
C ASP D 137 9.52 17.82 25.31
N LYS D 138 10.55 17.27 25.95
CA LYS D 138 11.31 18.02 26.94
C LYS D 138 12.02 19.20 26.27
N GLU D 139 12.62 18.93 25.11
CA GLU D 139 13.30 19.96 24.35
C GLU D 139 12.38 21.11 23.95
N LEU D 140 11.28 20.79 23.28
CA LEU D 140 10.35 21.83 22.83
C LEU D 140 9.50 22.48 23.92
N ALA D 141 9.56 21.96 25.14
CA ALA D 141 8.79 22.56 26.22
C ALA D 141 9.36 23.93 26.55
N GLY D 142 10.65 24.11 26.35
CA GLY D 142 11.26 25.40 26.66
C GLY D 142 11.88 26.09 25.46
N ARG D 143 11.29 25.88 24.28
CA ARG D 143 11.81 26.45 23.04
C ARG D 143 10.67 26.40 22.02
N ASP D 144 10.54 27.43 21.18
CA ASP D 144 9.47 27.47 20.18
C ASP D 144 9.71 26.63 18.92
N HIS D 145 10.94 26.59 18.45
CA HIS D 145 11.27 25.85 17.23
C HIS D 145 12.31 24.78 17.50
N TYR D 146 12.27 23.71 16.71
CA TYR D 146 13.20 22.60 16.90
C TYR D 146 14.64 22.94 16.57
N ALA D 147 14.85 23.71 15.51
CA ALA D 147 16.20 24.11 15.10
C ALA D 147 16.31 25.63 15.06
N GLY D 148 17.43 26.15 15.57
CA GLY D 148 17.63 27.59 15.56
C GLY D 148 16.53 28.31 16.33
N ASN D 149 16.28 29.57 15.96
CA ASN D 149 15.25 30.34 16.64
C ASN D 149 14.17 30.79 15.67
N ALA D 150 13.90 29.99 14.65
CA ALA D 150 12.88 30.33 13.67
C ALA D 150 12.28 29.09 13.02
N PHE D 151 11.04 29.23 12.54
CA PHE D 151 10.34 28.14 11.88
C PHE D 151 11.19 27.69 10.69
N SER D 152 11.46 26.40 10.60
CA SER D 152 12.28 25.87 9.51
C SER D 152 11.73 24.55 8.96
N VAL D 153 12.45 24.00 7.98
CA VAL D 153 12.04 22.74 7.40
C VAL D 153 12.08 21.67 8.48
N ALA D 154 12.94 21.84 9.48
CA ALA D 154 13.04 20.88 10.57
C ALA D 154 11.69 20.79 11.29
N ASP D 155 11.05 21.94 11.50
CA ASP D 155 9.75 21.98 12.16
C ASP D 155 8.71 21.28 11.33
N ILE D 156 8.71 21.54 10.03
CA ILE D 156 7.75 20.92 9.10
C ILE D 156 7.95 19.41 9.13
N TYR D 157 9.21 19.02 9.02
CA TYR D 157 9.62 17.62 9.01
C TYR D 157 9.17 16.91 10.29
N LEU D 158 9.45 17.53 11.44
CA LEU D 158 9.05 16.93 12.71
C LEU D 158 7.53 16.88 12.85
N TYR D 159 6.88 17.98 12.48
CA TYR D 159 5.43 18.06 12.54
C TYR D 159 4.78 16.87 11.83
N VAL D 160 5.23 16.56 10.62
CA VAL D 160 4.62 15.45 9.89
C VAL D 160 4.73 14.15 10.69
N MET D 161 5.92 13.85 11.22
CA MET D 161 6.10 12.62 11.98
C MET D 161 5.36 12.62 13.31
N LEU D 162 5.07 13.80 13.86
CA LEU D 162 4.35 13.87 15.11
C LEU D 162 2.90 13.40 14.97
N GLY D 163 2.44 13.26 13.72
CA GLY D 163 1.08 12.80 13.50
C GLY D 163 1.03 11.29 13.33
N TRP D 164 2.17 10.62 13.49
CA TRP D 164 2.24 9.18 13.34
C TRP D 164 1.91 8.33 14.56
N PRO D 165 2.42 8.69 15.74
CA PRO D 165 2.13 7.91 16.95
C PRO D 165 0.70 7.46 17.16
N ALA D 166 -0.26 8.36 16.92
CA ALA D 166 -1.66 8.02 17.09
C ALA D 166 -2.09 6.82 16.25
N TYR D 167 -1.41 6.58 15.13
CA TYR D 167 -1.77 5.45 14.29
C TYR D 167 -1.06 4.18 14.72
N VAL D 168 -0.14 4.29 15.67
CA VAL D 168 0.59 3.13 16.12
C VAL D 168 0.47 2.82 17.63
N GLY D 169 -0.69 3.15 18.19
CA GLY D 169 -0.92 2.86 19.60
C GLY D 169 -0.26 3.76 20.63
N ILE D 170 0.28 4.90 20.19
CA ILE D 170 0.92 5.80 21.13
C ILE D 170 0.11 7.09 21.34
N ASP D 171 -0.36 7.26 22.57
CA ASP D 171 -1.18 8.40 22.96
C ASP D 171 -0.37 9.68 23.08
N MET D 172 -0.63 10.64 22.20
CA MET D 172 0.10 11.90 22.23
C MET D 172 -0.22 12.83 23.40
N ALA D 173 -1.28 12.52 24.14
CA ALA D 173 -1.67 13.33 25.30
C ALA D 173 -0.53 13.38 26.32
N ALA D 174 0.31 12.36 26.33
CA ALA D 174 1.44 12.27 27.25
C ALA D 174 2.53 13.30 26.98
N TYR D 175 2.52 13.89 25.78
CA TYR D 175 3.53 14.88 25.44
C TYR D 175 2.91 16.24 25.14
N PRO D 176 2.55 16.98 26.19
CA PRO D 176 1.92 18.31 26.18
C PRO D 176 2.61 19.35 25.31
N ALA D 177 3.93 19.46 25.41
CA ALA D 177 4.66 20.45 24.60
C ALA D 177 4.59 20.11 23.12
N LEU D 178 4.70 18.82 22.79
CA LEU D 178 4.63 18.42 21.40
C LEU D 178 3.23 18.71 20.89
N GLY D 179 2.24 18.50 21.75
CA GLY D 179 0.86 18.76 21.36
C GLY D 179 0.63 20.22 21.01
N ALA D 180 1.11 21.12 21.85
CA ALA D 180 0.96 22.56 21.61
C ALA D 180 1.78 22.96 20.38
N TYR D 181 2.99 22.41 20.29
CA TYR D 181 3.91 22.66 19.19
C TYR D 181 3.27 22.35 17.84
N ALA D 182 2.81 21.11 17.67
CA ALA D 182 2.17 20.67 16.44
C ALA D 182 0.90 21.47 16.18
N GLY D 183 0.12 21.69 17.24
CA GLY D 183 -1.12 22.44 17.11
C GLY D 183 -0.93 23.79 16.41
N LYS D 184 0.14 24.51 16.73
CA LYS D 184 0.40 25.81 16.12
C LYS D 184 0.75 25.66 14.65
N ILE D 185 1.57 24.66 14.34
CA ILE D 185 1.99 24.41 12.97
C ILE D 185 0.84 23.92 12.10
N ALA D 186 -0.06 23.16 12.70
CA ALA D 186 -1.22 22.63 11.98
C ALA D 186 -2.10 23.76 11.44
N GLN D 187 -2.07 24.90 12.11
CA GLN D 187 -2.90 26.04 11.72
C GLN D 187 -2.39 26.86 10.52
N ARG D 188 -1.13 26.67 10.13
CA ARG D 188 -0.57 27.38 8.99
C ARG D 188 -1.34 26.99 7.72
N PRO D 189 -1.70 27.98 6.88
CA PRO D 189 -2.44 27.72 5.64
C PRO D 189 -1.79 26.67 4.73
N ALA D 190 -0.47 26.69 4.63
CA ALA D 190 0.25 25.74 3.78
C ALA D 190 0.02 24.30 4.21
N VAL D 191 -0.13 24.06 5.50
CA VAL D 191 -0.36 22.70 6.01
C VAL D 191 -1.72 22.18 5.55
N GLY D 192 -2.78 22.91 5.88
CA GLY D 192 -4.11 22.49 5.46
C GLY D 192 -4.21 22.38 3.95
N ALA D 193 -3.52 23.27 3.24
CA ALA D 193 -3.55 23.25 1.78
C ALA D 193 -2.91 21.96 1.26
N ALA D 194 -1.78 21.58 1.86
CA ALA D 194 -1.09 20.38 1.43
C ALA D 194 -1.93 19.15 1.73
N LEU D 195 -2.54 19.11 2.91
CA LEU D 195 -3.38 17.98 3.28
C LEU D 195 -4.53 17.80 2.31
N LYS D 196 -5.23 18.89 1.97
CA LYS D 196 -6.35 18.81 1.04
C LYS D 196 -5.89 18.43 -0.37
N ALA D 197 -4.80 19.06 -0.83
CA ALA D 197 -4.28 18.76 -2.16
C ALA D 197 -3.97 17.28 -2.30
N GLU D 198 -3.63 16.62 -1.20
CA GLU D 198 -3.33 15.19 -1.24
C GLU D 198 -4.59 14.32 -1.03
N GLY D 199 -5.73 14.98 -0.82
CA GLY D 199 -6.98 14.27 -0.61
C GLY D 199 -7.10 13.67 0.78
N LEU D 200 -6.38 14.24 1.74
CA LEU D 200 -6.41 13.74 3.10
C LEU D 200 -7.47 14.44 3.93
N ALA D 201 -8.00 13.73 4.92
CA ALA D 201 -9.04 14.28 5.81
C ALA D 201 -8.97 13.63 7.18
N1 GSH E . -14.08 -11.40 -5.18
CA1 GSH E . -13.42 -10.95 -3.95
C1 GSH E . -14.19 -9.80 -3.24
O11 GSH E . -15.25 -9.36 -3.77
O12 GSH E . -13.72 -9.35 -2.15
CB1 GSH E . -11.99 -10.52 -4.39
CG1 GSH E . -10.97 -10.11 -3.31
CD1 GSH E . -9.62 -9.75 -3.93
OE1 GSH E . -9.46 -9.73 -5.16
N2 GSH E . -8.63 -9.48 -3.06
CA2 GSH E . -7.26 -9.12 -3.45
C2 GSH E . -6.27 -9.93 -2.64
O2 GSH E . -6.37 -9.95 -1.40
CB2 GSH E . -6.95 -7.64 -3.19
SG2 GSH E . -7.92 -6.45 -4.11
N3 GSH E . -5.34 -10.60 -3.31
CA3 GSH E . -4.35 -11.43 -2.62
C3 GSH E . -2.95 -11.10 -3.05
O31 GSH E . -2.78 -10.07 -3.77
O32 GSH E . -2.04 -11.87 -2.67
N1 GSH F . -21.49 -11.29 -13.71
CA1 GSH F . -22.66 -11.67 -14.51
C1 GSH F . -23.72 -12.47 -13.67
O11 GSH F . -24.79 -12.83 -14.24
O12 GSH F . -23.46 -12.71 -12.45
CB1 GSH F . -22.12 -12.51 -15.69
CG1 GSH F . -23.07 -12.89 -16.83
CD1 GSH F . -22.35 -13.71 -17.91
OE1 GSH F . -21.13 -13.86 -17.91
N2 GSH F . -23.16 -14.22 -18.85
CA2 GSH F . -22.68 -15.01 -19.98
C2 GSH F . -23.08 -14.35 -21.28
O2 GSH F . -24.26 -14.05 -21.46
CB2 GSH F . -23.30 -16.41 -19.96
SG2 GSH F . -22.98 -17.40 -18.50
N3 GSH F . -22.12 -14.12 -22.16
CA3 GSH F . -22.39 -13.47 -23.45
C3 GSH F . -21.70 -14.16 -24.58
O31 GSH F . -21.79 -13.62 -25.72
O32 GSH F . -21.08 -15.24 -24.34
N1 GSH G . 22.46 8.83 13.07
CA1 GSH G . 23.72 8.98 13.79
C1 GSH G . 24.87 9.52 12.88
O11 GSH G . 24.63 9.76 11.65
O12 GSH G . 26.00 9.71 13.41
CB1 GSH G . 24.05 7.55 14.31
CG1 GSH G . 25.20 7.41 15.33
CD1 GSH G . 25.40 5.97 15.75
OE1 GSH G . 24.58 5.08 15.46
N2 GSH G . 26.50 5.74 16.47
CA2 GSH G . 26.87 4.43 16.99
C2 GSH G . 27.01 4.50 18.49
O2 GSH G . 27.76 5.34 19.00
CB2 GSH G . 28.20 3.96 16.40
SG2 GSH G . 28.22 3.72 14.60
N3 GSH G . 26.29 3.64 19.19
CA3 GSH G . 26.33 3.60 20.65
C3 GSH G . 26.46 2.20 21.15
O31 GSH G . 26.12 1.98 22.35
O32 GSH G . 26.92 1.34 20.35
N1 GSH H . 15.54 7.95 4.47
CA1 GSH H . 14.58 8.31 3.42
C1 GSH H . 14.23 9.83 3.42
O11 GSH H . 13.43 10.24 2.54
O12 GSH H . 14.76 10.58 4.30
CB1 GSH H . 13.31 7.49 3.70
CG1 GSH H . 12.25 7.40 2.61
CD1 GSH H . 11.05 6.58 3.06
OE1 GSH H . 11.03 5.99 4.15
N2 GSH H . 10.04 6.54 2.19
CA2 GSH H . 8.78 5.83 2.38
C2 GSH H . 8.49 4.99 1.18
O2 GSH H . 8.48 5.51 0.07
CB2 GSH H . 7.62 6.79 2.53
SG2 GSH H . 7.53 7.70 4.05
N3 GSH H . 8.25 3.69 1.37
CA3 GSH H . 7.97 2.82 0.23
C3 GSH H . 7.91 1.41 0.64
O31 GSH H . 6.79 0.81 0.49
O32 GSH H . 8.96 0.87 1.09
#